data_5UAR
#
_entry.id   5UAR
#
_cell.length_a   1
_cell.length_b   1
_cell.length_c   1
_cell.angle_alpha   90
_cell.angle_beta   90
_cell.angle_gamma   90
#
_symmetry.space_group_name_H-M   'P 1'
#
loop_
_entity.id
_entity.type
_entity.pdbx_description
1 polymer 'Cystic fibrosis transmembrane conductance regulator'
2 non-polymer DECANE
#
_entity_poly.entity_id   1
_entity_poly.type   'polypeptide(L)'
_entity_poly.pdbx_seq_one_letter_code
;MQRSPVEDANCLSRYFFWWTNPIMRKGFKEKLRPSDVYQAPSQDAADILAERLEKEWDREVASGKKKPSLLRAMARCYIK
PFLLFGFLLYIGEATKTVQPQLLGRIIASFDPAHEPERANGYFLAFGLGLLFTARFLLLQPAMFGLHHLGMQIRIALFSI
IYKKTLKLSSRVLDKISTGQLVSLMSANLGKFDQSLGMAHFIWISPLQCILCTGLIWELIDVNSFCALAAISLLGVLQAF
LSHKMGPYKAQKVLLTNKRLALTSEIMENLHSVKAYGWEEIMETLIKNIRQDEVKLTRKIGSLRYFYSSAYFFSAIFVIV
AAVVPHALSRGINLRRIFTTLSYCMVLRMTVTRQLPGSIQMWYDTMRLIWKIEEFLSKEEYKLMEYDLSITELELQDVTA
SWDEGPGELLERIKQENKANGHHNGDAGLFFTNLYVAPVLKDISLKLKKGEMLAVTGSMGSGKSSLLMTILGELVPSSGK
IRHSGRISYSSQTAWIMPGTIRDNILFGLTYDEYRYKSVVKACQLEEDLAALPEKDKTPMAEGGLNLSGGQKARVALARA
VYRDADLYLLDAPFTHLDIATEKEIFDKCLCKLMASKTRILVTNKIEHLKRADKILLLHNGESFFYGTFPELQSERPDFS
SLLLGLEAYDNISAERRCSILTETLHRVSVDESAGMQPERSAFRQVPPTKPMYIDERKASVIVNPLGVARKASFIQVPEE
EVRRTLPDRKFSLVPENELVDESFMGSDVYHNHGVHMAGQRRQSVLAFMTNAQGQGRREHLQSSFRRRLSVVPQSELASE
LDIYTRRLSDSTYDMTGILEEENIEACLTDEIDEIEETFETTKWNTYVRYVSNNKSLLYVLIFILFIAAIEIAGSVAGIF
LITDELWREEHQRSEPNMTKHSNASSSGQTYAITVTPTSSYYILYIYVATSESLLAMGFFRGLPFVHTTITISKKLHQKM
LHAVLSAPMSVLNTMKTGRIMNRFTKDMATIDDMLPLLMFDFVQLTVVVVGCILVVSIVRPYIFLAATPLAIIFIVMRKY
FLRTGQQLKQLETEARSPIFSHLIMSLKGLWTIRAFERQAYFEALFHKTLNTHTATWFLYLSTLRWFLFRADILFVFFFT
LAAWIAVGTNQDKPGEIGIIICLAMLILGTFQWCVATSIAVDGMMRSVDRVFKFIDLPSETPKPDKGKDSDLIIENVDAQ
ADSSWPHRGQIEVRNLTVKYTEAGHAVLKNLSFSAEGRQRVGILGRTGSGKSSLFNALLKLVYTDGEISIDGVNWNKMPL
QKWRKAFGVVPQKVFIFTGPLRMNLDPYGCHSDEELWRVAEEVGLKTVIEQFPDKLDFQLEYGGYVLSNGHKQLICLARS
ILSGARILLLDEPSAHLDPVTIKVLKKTLRQSFSTCTILLSEHKVEPLLECQSFLMMDKGQVKTYDSIQKLLNETSHLKQ
AISPAERLKLFPRRNSSMRTPQSKLSSVTQTLQEEAEDNIQDTRLSNSLEVLFQ
;
_entity_poly.pdbx_strand_id   A
#
loop_
_chem_comp.id
_chem_comp.type
_chem_comp.name
_chem_comp.formula
D10 non-polymer DECANE 'C10 H22'
#
# COMPACT_ATOMS: atom_id res chain seq x y z
N MET A 1 -13.48 -8.95 25.29
CA MET A 1 -14.41 -10.07 24.91
C MET A 1 -13.93 -11.41 25.46
N GLN A 2 -12.68 -11.75 25.14
CA GLN A 2 -12.07 -13.02 25.48
C GLN A 2 -11.36 -13.06 26.85
N ARG A 3 -10.99 -11.89 27.38
CA ARG A 3 -10.33 -11.74 28.71
C ARG A 3 -8.89 -12.28 28.69
N SER A 4 -7.92 -11.37 28.63
CA SER A 4 -6.50 -11.73 28.45
C SER A 4 -5.83 -12.26 29.74
N PRO A 5 -4.90 -13.23 29.61
CA PRO A 5 -4.30 -13.87 30.80
C PRO A 5 -3.19 -13.09 31.52
N VAL A 6 -2.54 -12.16 30.83
CA VAL A 6 -1.51 -11.30 31.43
C VAL A 6 -2.05 -10.49 32.62
N GLU A 7 -3.35 -10.17 32.55
CA GLU A 7 -4.08 -9.57 33.68
C GLU A 7 -3.96 -10.38 34.97
N ASP A 8 -4.13 -11.70 34.84
CA ASP A 8 -4.01 -12.65 35.96
C ASP A 8 -2.71 -13.43 35.85
N ALA A 9 -1.60 -12.70 35.96
CA ALA A 9 -0.25 -13.25 35.80
C ALA A 9 0.63 -13.05 37.03
N ASN A 10 1.58 -13.97 37.23
CA ASN A 10 2.56 -13.92 38.31
C ASN A 10 3.90 -13.32 37.85
N CYS A 11 4.59 -12.66 38.78
CA CYS A 11 5.85 -11.94 38.52
C CYS A 11 6.92 -12.77 37.79
N LEU A 12 6.99 -14.05 38.09
CA LEU A 12 7.91 -14.97 37.41
C LEU A 12 7.38 -15.30 36.02
N SER A 13 6.08 -15.61 35.95
CA SER A 13 5.46 -16.03 34.69
C SER A 13 5.49 -14.93 33.63
N ARG A 14 5.30 -13.69 34.07
CA ARG A 14 5.39 -12.54 33.16
C ARG A 14 6.82 -12.22 32.71
N TYR A 15 7.81 -12.48 33.57
CA TYR A 15 9.22 -12.27 33.25
C TYR A 15 9.71 -13.23 32.17
N PHE A 16 9.51 -14.53 32.40
CA PHE A 16 9.90 -15.58 31.43
C PHE A 16 8.89 -15.87 30.30
N PHE A 17 7.69 -15.27 30.37
CA PHE A 17 6.57 -15.58 29.45
C PHE A 17 6.12 -17.05 29.53
N TRP A 18 5.40 -17.40 30.61
CA TRP A 18 4.76 -18.72 30.74
C TRP A 18 3.37 -18.75 30.07
N TRP A 19 2.76 -17.58 29.87
CA TRP A 19 1.34 -17.47 29.47
C TRP A 19 1.01 -17.76 28.00
N THR A 20 2.00 -17.68 27.12
CA THR A 20 1.79 -17.97 25.69
C THR A 20 1.55 -19.47 25.36
N ASN A 21 1.84 -20.38 26.29
CA ASN A 21 1.83 -21.83 26.05
C ASN A 21 0.66 -22.42 25.23
N PRO A 22 -0.58 -22.06 25.59
CA PRO A 22 -1.72 -22.58 24.81
C PRO A 22 -1.81 -22.02 23.38
N ILE A 23 -1.44 -20.75 23.20
CA ILE A 23 -1.53 -20.05 21.91
C ILE A 23 -0.38 -20.50 21.02
N MET A 24 0.77 -20.77 21.64
CA MET A 24 1.85 -21.50 21.00
C MET A 24 1.37 -22.87 20.50
N ARG A 25 0.64 -23.59 21.36
CA ARG A 25 0.14 -24.93 21.02
C ARG A 25 -0.87 -24.90 19.86
N LYS A 26 -1.95 -24.13 20.04
CA LYS A 26 -3.06 -24.06 19.06
C LYS A 26 -2.58 -23.90 17.62
N GLY A 27 -1.78 -22.86 17.39
CA GLY A 27 -1.23 -22.54 16.07
C GLY A 27 -0.47 -23.64 15.37
N PHE A 28 0.19 -24.49 16.15
CA PHE A 28 0.88 -25.65 15.60
C PHE A 28 -0.11 -26.69 15.06
N LYS A 29 -1.21 -26.87 15.78
CA LYS A 29 -2.24 -27.86 15.43
C LYS A 29 -3.17 -27.35 14.32
N GLU A 30 -3.84 -26.23 14.59
CA GLU A 30 -4.87 -25.66 13.71
C GLU A 30 -4.58 -24.19 13.42
N LYS A 31 -5.02 -23.72 12.25
CA LYS A 31 -4.76 -22.34 11.82
C LYS A 31 -5.60 -21.32 12.60
N LEU A 32 -5.00 -20.16 12.88
CA LEU A 32 -5.62 -19.13 13.72
C LEU A 32 -6.59 -18.24 12.94
N ARG A 33 -7.41 -17.50 13.68
CA ARG A 33 -8.41 -16.57 13.12
C ARG A 33 -8.57 -15.34 14.03
N PRO A 34 -9.07 -14.21 13.48
CA PRO A 34 -9.29 -12.99 14.26
C PRO A 34 -10.13 -13.15 15.54
N SER A 35 -11.09 -14.07 15.51
CA SER A 35 -11.92 -14.38 16.68
C SER A 35 -11.12 -15.02 17.83
N ASP A 36 -10.10 -15.79 17.47
CA ASP A 36 -9.27 -16.51 18.43
C ASP A 36 -8.35 -15.59 19.25
N VAL A 37 -7.68 -14.65 18.58
CA VAL A 37 -6.80 -13.67 19.25
C VAL A 37 -7.60 -12.74 20.17
N TYR A 38 -6.95 -12.30 21.24
CA TYR A 38 -7.65 -11.59 22.33
C TYR A 38 -7.04 -10.26 22.72
N GLN A 39 -7.85 -9.46 23.42
CA GLN A 39 -7.64 -8.02 23.60
C GLN A 39 -6.37 -7.62 24.34
N ALA A 40 -6.03 -6.33 24.24
CA ALA A 40 -4.82 -5.77 24.85
C ALA A 40 -5.03 -5.57 26.35
N PRO A 41 -3.93 -5.37 27.12
CA PRO A 41 -4.08 -5.14 28.56
C PRO A 41 -4.80 -3.84 28.90
N SER A 42 -5.46 -3.82 30.06
CA SER A 42 -6.20 -2.65 30.57
C SER A 42 -5.32 -1.40 30.72
N GLN A 43 -4.03 -1.60 30.97
CA GLN A 43 -3.03 -0.53 30.93
C GLN A 43 -2.94 0.07 29.54
N ASP A 44 -2.78 -0.79 28.53
CA ASP A 44 -2.70 -0.37 27.12
C ASP A 44 -4.10 -0.21 26.51
N ALA A 45 -4.71 0.94 26.77
CA ALA A 45 -6.03 1.31 26.27
C ALA A 45 -6.03 2.77 25.80
N ALA A 46 -6.41 2.98 24.54
CA ALA A 46 -6.23 4.27 23.86
C ALA A 46 -6.91 5.47 24.55
N ASP A 47 -8.04 5.22 25.21
CA ASP A 47 -8.71 6.23 26.04
C ASP A 47 -7.82 6.69 27.19
N ILE A 48 -7.21 5.73 27.88
CA ILE A 48 -6.34 6.02 29.02
C ILE A 48 -5.02 6.66 28.54
N LEU A 49 -4.46 6.17 27.44
CA LEU A 49 -3.20 6.67 26.89
C LEU A 49 -3.29 8.08 26.31
N ALA A 50 -4.40 8.40 25.66
CA ALA A 50 -4.62 9.72 25.06
C ALA A 50 -4.96 10.78 26.12
N GLU A 51 -5.95 10.46 26.96
CA GLU A 51 -6.52 11.41 27.94
C GLU A 51 -5.50 12.00 28.91
N ARG A 52 -4.47 11.23 29.24
CA ARG A 52 -3.35 11.70 30.06
C ARG A 52 -2.56 12.78 29.34
N LEU A 53 -2.12 12.46 28.13
CA LEU A 53 -1.30 13.37 27.31
C LEU A 53 -2.04 14.65 26.92
N GLU A 54 -3.36 14.53 26.75
CA GLU A 54 -4.23 15.70 26.54
C GLU A 54 -4.11 16.70 27.68
N LYS A 55 -4.17 16.19 28.92
CA LYS A 55 -4.05 17.02 30.13
C LYS A 55 -2.67 17.67 30.24
N GLU A 56 -1.63 16.90 29.97
CA GLU A 56 -0.25 17.38 30.08
C GLU A 56 0.14 18.36 28.96
N TRP A 57 -0.44 18.17 27.78
CA TRP A 57 -0.32 19.16 26.70
C TRP A 57 -1.16 20.40 27.01
N ASP A 58 -2.34 20.19 27.59
CA ASP A 58 -3.23 21.28 28.01
C ASP A 58 -2.52 22.22 29.00
N ARG A 59 -1.73 21.68 29.91
CA ARG A 59 -0.91 22.48 30.84
C ARG A 59 0.07 23.42 30.14
N GLU A 60 0.70 22.91 29.09
CA GLU A 60 1.67 23.68 28.30
C GLU A 60 1.02 24.82 27.53
N VAL A 61 -0.16 24.55 26.96
CA VAL A 61 -0.96 25.57 26.26
C VAL A 61 -1.62 26.52 27.28
N ALA A 62 -1.99 26.00 28.45
CA ALA A 62 -2.63 26.79 29.53
C ALA A 62 -1.71 27.89 30.03
N SER A 63 -0.48 27.52 30.37
CA SER A 63 0.59 28.49 30.63
C SER A 63 1.00 29.11 29.29
N GLY A 64 0.16 30.02 28.80
CA GLY A 64 0.28 30.61 27.47
C GLY A 64 1.41 31.59 27.35
N LYS A 65 2.60 31.08 27.04
CA LYS A 65 3.76 31.92 26.79
C LYS A 65 4.75 31.20 25.87
N LYS A 66 5.52 32.00 25.12
CA LYS A 66 6.55 31.52 24.20
C LYS A 66 5.98 30.61 23.10
N LYS A 67 6.05 29.30 23.30
CA LYS A 67 5.70 28.31 22.28
C LYS A 67 5.75 26.91 22.89
N PRO A 68 4.58 26.27 23.10
CA PRO A 68 4.58 24.89 23.61
C PRO A 68 5.25 23.88 22.67
N SER A 69 5.95 22.92 23.26
CA SER A 69 6.65 21.85 22.53
C SER A 69 6.29 20.47 23.10
N LEU A 70 5.82 19.59 22.21
CA LEU A 70 5.31 18.26 22.59
C LEU A 70 6.36 17.37 23.28
N LEU A 71 7.64 17.57 22.95
CA LEU A 71 8.74 16.90 23.63
C LEU A 71 8.74 17.27 25.11
N ARG A 72 8.64 18.57 25.38
CA ARG A 72 8.58 19.10 26.74
C ARG A 72 7.29 18.66 27.45
N ALA A 73 6.20 18.55 26.69
CA ALA A 73 4.93 18.06 27.20
C ALA A 73 5.02 16.60 27.64
N MET A 74 5.42 15.73 26.72
CA MET A 74 5.56 14.29 26.99
C MET A 74 6.51 14.00 28.16
N ALA A 75 7.56 14.82 28.24
CA ALA A 75 8.52 14.76 29.34
C ALA A 75 7.89 14.95 30.72
N ARG A 76 6.80 15.71 30.79
CA ARG A 76 6.06 15.91 32.05
C ARG A 76 5.61 14.60 32.70
N CYS A 77 5.30 13.58 31.88
CA CYS A 77 5.08 12.21 32.40
C CYS A 77 5.30 11.10 31.35
N TYR A 78 6.55 10.97 30.91
CA TYR A 78 7.07 9.72 30.33
C TYR A 78 8.49 9.32 30.83
N ILE A 79 9.06 10.04 31.79
CA ILE A 79 10.45 9.85 32.20
C ILE A 79 10.59 8.65 33.15
N LYS A 80 9.62 8.52 34.06
CA LYS A 80 9.62 7.47 35.10
C LYS A 80 9.88 6.05 34.58
N PRO A 81 9.29 5.67 33.42
CA PRO A 81 9.70 4.41 32.76
C PRO A 81 10.99 4.50 31.93
N PHE A 82 11.22 5.63 31.27
CA PHE A 82 12.37 5.81 30.36
C PHE A 82 13.73 5.68 31.08
N LEU A 83 13.90 6.42 32.17
CA LEU A 83 15.13 6.35 32.98
C LEU A 83 15.26 5.06 33.83
N LEU A 84 14.15 4.36 34.07
CA LEU A 84 14.16 3.09 34.81
C LEU A 84 14.89 2.01 34.02
N PHE A 85 14.55 1.89 32.74
CA PHE A 85 15.26 0.99 31.81
C PHE A 85 16.66 1.50 31.48
N GLY A 86 16.81 2.83 31.39
CA GLY A 86 18.08 3.49 31.05
C GLY A 86 19.34 2.96 31.71
N PHE A 87 19.27 2.74 33.03
CA PHE A 87 20.38 2.15 33.79
C PHE A 87 20.62 0.68 33.41
N LEU A 88 19.53 -0.06 33.19
CA LEU A 88 19.58 -1.50 32.90
C LEU A 88 20.42 -1.82 31.64
N LEU A 89 20.31 -0.96 30.62
CA LEU A 89 21.12 -1.08 29.41
C LEU A 89 22.59 -0.82 29.71
N TYR A 90 22.86 0.20 30.54
CA TYR A 90 24.23 0.60 30.86
C TYR A 90 24.95 -0.45 31.69
N ILE A 91 24.33 -0.86 32.80
CA ILE A 91 24.88 -1.90 33.67
C ILE A 91 24.92 -3.25 32.92
N GLY A 92 23.90 -3.48 32.09
CA GLY A 92 23.84 -4.68 31.26
C GLY A 92 24.92 -4.80 30.18
N GLU A 93 25.36 -3.66 29.65
CA GLU A 93 26.47 -3.62 28.68
C GLU A 93 27.84 -3.53 29.35
N ALA A 94 27.88 -2.89 30.52
CA ALA A 94 29.13 -2.70 31.28
C ALA A 94 29.82 -4.00 31.70
N THR A 95 29.06 -5.09 31.85
CA THR A 95 29.63 -6.41 32.17
C THR A 95 30.58 -6.93 31.07
N LYS A 96 30.41 -6.47 29.83
CA LYS A 96 31.29 -6.85 28.71
C LYS A 96 32.77 -6.46 28.91
N THR A 97 33.00 -5.37 29.64
CA THR A 97 34.36 -4.91 29.96
C THR A 97 35.10 -5.85 30.94
N VAL A 98 34.35 -6.51 31.82
CA VAL A 98 34.92 -7.40 32.84
C VAL A 98 35.48 -8.70 32.23
N GLN A 99 34.84 -9.17 31.16
CA GLN A 99 35.15 -10.48 30.54
C GLN A 99 36.61 -10.73 30.11
N PRO A 100 37.29 -9.73 29.48
CA PRO A 100 38.72 -9.84 29.16
C PRO A 100 39.63 -10.24 30.33
N GLN A 101 39.51 -9.52 31.44
CA GLN A 101 40.35 -9.75 32.63
C GLN A 101 40.32 -11.21 33.10
N LEU A 102 39.13 -11.78 33.16
CA LEU A 102 38.94 -13.16 33.62
C LEU A 102 39.50 -14.17 32.63
N LEU A 103 39.48 -13.82 31.35
CA LEU A 103 40.12 -14.65 30.31
C LEU A 103 41.63 -14.71 30.54
N GLY A 104 42.23 -13.54 30.76
CA GLY A 104 43.67 -13.40 31.02
C GLY A 104 44.22 -14.27 32.14
N ARG A 105 43.42 -14.45 33.19
CA ARG A 105 43.79 -15.33 34.30
C ARG A 105 43.94 -16.80 33.89
N ILE A 106 43.15 -17.23 32.89
CA ILE A 106 43.24 -18.61 32.39
C ILE A 106 44.52 -18.81 31.57
N ILE A 107 44.93 -17.78 30.83
CA ILE A 107 46.20 -17.80 30.11
C ILE A 107 47.33 -17.71 31.14
N ALA A 108 47.10 -16.93 32.21
CA ALA A 108 48.06 -16.83 33.32
C ALA A 108 48.22 -18.13 34.10
N SER A 109 47.15 -18.92 34.17
CA SER A 109 47.18 -20.20 34.86
C SER A 109 47.98 -21.25 34.10
N PHE A 110 47.85 -21.24 32.77
CA PHE A 110 48.50 -22.26 31.89
C PHE A 110 49.70 -21.74 31.07
N ASP A 111 50.87 -22.35 31.29
CA ASP A 111 52.06 -22.16 30.46
C ASP A 111 52.99 -23.35 30.69
N PRO A 112 53.97 -23.58 29.78
CA PRO A 112 54.91 -24.68 29.97
C PRO A 112 55.63 -24.68 31.32
N ALA A 113 55.90 -23.48 31.85
CA ALA A 113 56.42 -23.33 33.21
C ALA A 113 55.26 -23.48 34.21
N HIS A 114 55.54 -24.13 35.33
CA HIS A 114 54.56 -24.45 36.37
C HIS A 114 53.54 -25.51 35.91
N GLU A 115 52.95 -26.19 36.88
CA GLU A 115 51.93 -27.21 36.61
C GLU A 115 50.60 -26.56 36.16
N PRO A 116 49.74 -27.31 35.45
CA PRO A 116 48.44 -26.76 35.03
C PRO A 116 47.49 -26.56 36.21
N GLU A 117 47.22 -25.28 36.53
CA GLU A 117 46.36 -24.92 37.67
C GLU A 117 44.90 -25.31 37.38
N ARG A 118 44.39 -26.25 38.17
CA ARG A 118 43.06 -26.81 37.97
C ARG A 118 41.97 -25.90 38.54
N ALA A 119 42.05 -25.65 39.85
CA ALA A 119 40.98 -24.98 40.61
C ALA A 119 40.56 -23.66 39.97
N ASN A 120 41.53 -22.77 39.80
CA ASN A 120 41.30 -21.49 39.12
C ASN A 120 40.85 -21.72 37.67
N GLY A 121 41.46 -22.70 37.01
CA GLY A 121 41.10 -23.07 35.64
C GLY A 121 39.63 -23.38 35.45
N TYR A 122 39.07 -24.15 36.38
CA TYR A 122 37.65 -24.50 36.36
C TYR A 122 36.82 -23.34 36.86
N PHE A 123 37.07 -22.94 38.11
CA PHE A 123 36.18 -22.00 38.81
C PHE A 123 36.14 -20.58 38.23
N LEU A 124 37.25 -20.13 37.61
CA LEU A 124 37.23 -18.85 36.87
C LEU A 124 36.49 -18.95 35.54
N ALA A 125 36.55 -20.11 34.90
CA ALA A 125 35.81 -20.36 33.65
C ALA A 125 34.31 -20.40 33.92
N PHE A 126 33.91 -21.01 35.04
CA PHE A 126 32.52 -21.00 35.51
C PHE A 126 32.10 -19.59 35.91
N GLY A 127 32.95 -18.94 36.70
CA GLY A 127 32.77 -17.54 37.10
C GLY A 127 32.62 -16.53 35.96
N LEU A 128 33.20 -16.85 34.80
CA LEU A 128 32.94 -16.08 33.57
C LEU A 128 31.48 -16.28 33.15
N GLY A 129 31.06 -17.54 33.10
CA GLY A 129 29.68 -17.92 32.76
C GLY A 129 28.60 -17.24 33.58
N LEU A 130 28.91 -16.97 34.86
CA LEU A 130 28.02 -16.20 35.74
C LEU A 130 27.77 -14.79 35.18
N LEU A 131 28.85 -14.10 34.81
CA LEU A 131 28.75 -12.78 34.17
C LEU A 131 28.09 -12.90 32.80
N PHE A 132 28.43 -13.98 32.10
CA PHE A 132 27.92 -14.25 30.76
C PHE A 132 26.41 -14.45 30.73
N THR A 133 25.87 -15.10 31.77
CA THR A 133 24.42 -15.20 31.97
C THR A 133 23.84 -13.85 32.41
N ALA A 134 24.51 -13.21 33.37
CA ALA A 134 24.05 -11.95 33.97
C ALA A 134 23.81 -10.83 32.95
N ARG A 135 24.58 -10.84 31.87
CA ARG A 135 24.40 -9.92 30.75
C ARG A 135 22.99 -9.96 30.14
N PHE A 136 22.44 -11.15 29.99
CA PHE A 136 21.15 -11.34 29.30
C PHE A 136 19.98 -10.91 30.20
N LEU A 137 19.96 -11.48 31.40
CA LEU A 137 18.86 -11.28 32.36
C LEU A 137 18.56 -9.81 32.67
N LEU A 138 19.59 -8.97 32.64
CA LEU A 138 19.44 -7.53 32.87
C LEU A 138 19.07 -6.75 31.60
N LEU A 139 19.57 -7.20 30.45
CA LEU A 139 19.35 -6.50 29.17
C LEU A 139 17.98 -6.78 28.55
N GLN A 140 17.58 -8.07 28.58
CA GLN A 140 16.34 -8.53 27.92
C GLN A 140 15.06 -7.78 28.34
N PRO A 141 14.78 -7.64 29.65
CA PRO A 141 13.54 -6.98 30.07
C PRO A 141 13.47 -5.50 29.69
N ALA A 142 14.61 -4.81 29.79
CA ALA A 142 14.72 -3.41 29.38
C ALA A 142 14.45 -3.23 27.89
N MET A 143 15.05 -4.11 27.09
CA MET A 143 14.89 -4.08 25.63
C MET A 143 13.44 -4.28 25.24
N PHE A 144 12.78 -5.25 25.87
CA PHE A 144 11.36 -5.51 25.66
C PHE A 144 10.50 -4.36 26.16
N GLY A 145 10.94 -3.75 27.25
CA GLY A 145 10.24 -2.60 27.85
C GLY A 145 10.10 -1.40 26.92
N LEU A 146 11.19 -1.01 26.28
CA LEU A 146 11.20 0.15 25.39
C LEU A 146 10.27 0.01 24.19
N HIS A 147 10.10 -1.22 23.70
CA HIS A 147 9.12 -1.51 22.65
C HIS A 147 7.70 -1.25 23.15
N HIS A 148 7.44 -1.63 24.39
CA HIS A 148 6.15 -1.39 25.02
C HIS A 148 5.90 0.11 25.22
N LEU A 149 6.95 0.84 25.59
CA LEU A 149 6.86 2.30 25.75
C LEU A 149 6.67 3.01 24.41
N GLY A 150 7.42 2.57 23.40
CA GLY A 150 7.29 3.09 22.04
C GLY A 150 5.92 2.85 21.43
N MET A 151 5.36 1.65 21.66
CA MET A 151 3.99 1.33 21.27
C MET A 151 3.00 2.20 22.02
N GLN A 152 3.21 2.36 23.33
CA GLN A 152 2.36 3.18 24.18
C GLN A 152 2.31 4.66 23.74
N ILE A 153 3.42 5.18 23.21
CA ILE A 153 3.51 6.58 22.76
C ILE A 153 2.55 6.84 21.60
N ARG A 154 2.79 6.16 20.48
CA ARG A 154 2.07 6.46 19.23
C ARG A 154 0.56 6.21 19.30
N ILE A 155 0.12 5.29 20.17
CA ILE A 155 -1.30 5.05 20.41
C ILE A 155 -1.97 6.34 20.90
N ALA A 156 -1.27 7.09 21.75
CA ALA A 156 -1.74 8.40 22.17
C ALA A 156 -1.59 9.41 21.04
N LEU A 157 -0.43 9.38 20.39
CA LEU A 157 -0.07 10.38 19.37
C LEU A 157 -0.99 10.41 18.13
N PHE A 158 -1.58 9.28 17.76
CA PHE A 158 -2.60 9.27 16.69
C PHE A 158 -3.94 9.80 17.19
N SER A 159 -4.25 9.55 18.46
CA SER A 159 -5.49 10.02 19.06
C SER A 159 -5.50 11.56 19.16
N ILE A 160 -4.37 12.14 19.55
CA ILE A 160 -4.27 13.60 19.74
C ILE A 160 -4.32 14.39 18.42
N ILE A 161 -3.77 13.83 17.33
CA ILE A 161 -3.90 14.45 15.99
C ILE A 161 -5.33 14.30 15.43
N TYR A 162 -5.94 13.14 15.68
CA TYR A 162 -7.30 12.84 15.19
C TYR A 162 -8.36 13.75 15.83
N LYS A 163 -8.23 14.00 17.13
CA LYS A 163 -9.08 14.97 17.85
C LYS A 163 -9.07 16.35 17.19
N LYS A 164 -7.90 16.77 16.72
CA LYS A 164 -7.74 18.06 16.05
C LYS A 164 -8.27 18.03 14.62
N THR A 165 -7.93 16.98 13.85
CA THR A 165 -8.30 16.94 12.43
C THR A 165 -9.81 16.84 12.16
N LEU A 166 -10.59 16.45 13.17
CA LEU A 166 -12.05 16.50 13.10
C LEU A 166 -12.62 17.93 13.17
N LYS A 167 -11.86 18.86 13.73
CA LYS A 167 -12.27 20.27 13.86
C LYS A 167 -11.11 21.24 13.61
N LEU A 168 -11.01 21.72 12.37
CA LEU A 168 -10.12 22.84 12.01
C LEU A 168 -10.93 23.91 11.28
N SER A 169 -10.29 25.05 11.02
CA SER A 169 -10.83 26.06 10.09
C SER A 169 -10.91 25.47 8.68
N SER A 170 -12.02 25.74 7.98
CA SER A 170 -12.27 25.14 6.66
C SER A 170 -11.42 25.75 5.54
N ARG A 171 -10.98 26.99 5.72
CA ARG A 171 -10.20 27.71 4.71
C ARG A 171 -8.84 27.06 4.48
N VAL A 172 -8.15 26.78 5.58
CA VAL A 172 -6.83 26.12 5.53
C VAL A 172 -6.89 24.68 5.01
N LEU A 173 -8.03 24.02 5.11
CA LEU A 173 -8.19 22.63 4.64
C LEU A 173 -7.88 22.43 3.15
N ASP A 174 -8.20 23.42 2.31
CA ASP A 174 -7.85 23.39 0.87
C ASP A 174 -6.48 24.04 0.55
N LYS A 175 -5.78 24.53 1.59
CA LYS A 175 -4.35 24.81 1.51
C LYS A 175 -3.53 23.54 1.81
N ILE A 176 -3.88 22.83 2.88
CA ILE A 176 -3.19 21.58 3.29
C ILE A 176 -3.47 20.44 2.30
N SER A 177 -2.44 19.62 2.06
CA SER A 177 -2.49 18.52 1.09
C SER A 177 -2.95 17.20 1.73
N THR A 178 -3.56 16.32 0.91
CA THR A 178 -4.11 15.04 1.38
C THR A 178 -3.04 13.99 1.70
N GLY A 179 -2.04 13.87 0.84
CA GLY A 179 -0.94 12.90 1.00
C GLY A 179 -0.08 13.12 2.23
N GLN A 180 0.15 14.39 2.59
CA GLN A 180 0.91 14.75 3.79
C GLN A 180 0.22 14.26 5.07
N LEU A 181 -1.10 14.40 5.13
CA LEU A 181 -1.88 13.97 6.29
C LEU A 181 -1.88 12.44 6.51
N VAL A 182 -2.06 11.69 5.42
CA VAL A 182 -2.15 10.22 5.47
C VAL A 182 -0.76 9.60 5.68
N SER A 183 0.17 9.95 4.79
CA SER A 183 1.54 9.36 4.78
C SER A 183 2.32 9.53 6.09
N LEU A 184 2.10 10.65 6.78
CA LEU A 184 2.71 10.91 8.09
C LEU A 184 2.37 9.85 9.14
N MET A 185 1.09 9.45 9.18
CA MET A 185 0.62 8.43 10.12
C MET A 185 0.77 7.00 9.59
N SER A 186 0.84 6.84 8.26
CA SER A 186 1.07 5.55 7.62
C SER A 186 2.51 5.05 7.76
N ALA A 187 3.47 5.96 7.62
CA ALA A 187 4.90 5.61 7.70
C ALA A 187 5.37 5.12 9.08
N ASN A 188 4.73 5.61 10.14
CA ASN A 188 5.22 5.43 11.51
C ASN A 188 4.99 4.07 12.21
N LEU A 189 3.91 3.35 11.88
CA LEU A 189 3.44 2.23 12.73
C LEU A 189 4.51 1.19 13.08
N GLY A 190 5.07 0.56 12.06
CA GLY A 190 6.03 -0.53 12.24
C GLY A 190 7.43 -0.09 12.62
N LYS A 191 7.88 1.04 12.04
CA LYS A 191 9.27 1.47 12.10
C LYS A 191 9.57 2.21 13.40
N PHE A 192 8.77 3.25 13.67
CA PHE A 192 8.93 4.11 14.86
C PHE A 192 9.02 3.30 16.16
N ASP A 193 8.01 2.48 16.36
CA ASP A 193 7.82 1.65 17.55
C ASP A 193 9.04 0.77 17.86
N GLN A 194 9.53 0.06 16.85
CA GLN A 194 10.74 -0.77 16.96
C GLN A 194 12.00 0.08 17.13
N SER A 195 12.04 1.24 16.47
CA SER A 195 13.23 2.10 16.46
C SER A 195 13.57 2.78 17.79
N LEU A 196 12.57 2.98 18.65
CA LEU A 196 12.74 3.75 19.90
C LEU A 196 13.69 3.10 20.91
N GLY A 197 13.79 1.77 20.88
CA GLY A 197 14.61 1.00 21.83
C GLY A 197 16.10 1.31 21.86
N MET A 198 16.66 1.85 20.77
CA MET A 198 18.10 2.14 20.70
C MET A 198 18.49 3.63 20.84
N ALA A 199 17.52 4.48 21.17
CA ALA A 199 17.77 5.90 21.48
C ALA A 199 18.78 6.13 22.61
N HIS A 200 18.63 5.35 23.69
CA HIS A 200 19.51 5.44 24.88
C HIS A 200 20.99 5.39 24.54
N PHE A 201 21.37 4.59 23.54
CA PHE A 201 22.78 4.39 23.19
C PHE A 201 23.59 5.67 22.92
N ILE A 202 22.92 6.75 22.52
CA ILE A 202 23.55 8.07 22.29
C ILE A 202 24.55 8.48 23.39
N TRP A 203 24.22 8.20 24.65
CA TRP A 203 25.17 8.43 25.77
C TRP A 203 25.86 7.16 26.29
N ILE A 204 25.32 5.98 25.99
CA ILE A 204 25.97 4.71 26.39
C ILE A 204 27.30 4.53 25.64
N SER A 205 27.27 4.71 24.32
CA SER A 205 28.45 4.41 23.47
C SER A 205 29.66 5.29 23.80
N PRO A 206 29.47 6.63 23.87
CA PRO A 206 30.58 7.49 24.31
C PRO A 206 31.13 7.13 25.70
N LEU A 207 30.24 6.91 26.65
CA LEU A 207 30.62 6.62 28.04
C LEU A 207 31.42 5.32 28.17
N GLN A 208 31.08 4.33 27.33
CA GLN A 208 31.88 3.10 27.24
C GLN A 208 33.19 3.36 26.51
N CYS A 209 33.10 3.95 25.31
CA CYS A 209 34.27 4.22 24.46
C CYS A 209 35.44 4.90 25.19
N ILE A 210 35.12 5.98 25.91
CA ILE A 210 36.12 6.73 26.70
C ILE A 210 36.69 5.85 27.83
N LEU A 211 35.85 5.04 28.45
CA LEU A 211 36.28 4.12 29.52
C LEU A 211 37.16 2.99 28.98
N CYS A 212 36.76 2.41 27.84
CA CYS A 212 37.52 1.34 27.19
C CYS A 212 38.89 1.79 26.70
N THR A 213 38.91 2.88 25.94
CA THR A 213 40.15 3.46 25.40
C THR A 213 41.18 3.76 26.50
N GLY A 214 40.69 4.37 27.59
CA GLY A 214 41.52 4.61 28.77
C GLY A 214 41.96 3.33 29.44
N LEU A 215 41.05 2.35 29.50
CA LEU A 215 41.34 1.04 30.10
C LEU A 215 42.36 0.22 29.30
N ILE A 216 42.51 0.53 28.00
CA ILE A 216 43.58 -0.09 27.20
C ILE A 216 44.97 0.40 27.68
N TRP A 217 45.90 -0.55 27.77
CA TRP A 217 47.26 -0.32 28.23
C TRP A 217 48.14 0.21 27.10
N GLU A 218 49.45 0.29 27.37
CA GLU A 218 50.44 0.88 26.45
C GLU A 218 50.16 2.36 26.13
N LEU A 219 49.59 3.07 27.12
CA LEU A 219 49.25 4.48 27.00
C LEU A 219 50.46 5.34 26.61
N ILE A 220 51.63 4.95 27.10
CA ILE A 220 52.92 5.56 26.70
C ILE A 220 53.17 5.29 25.20
N ASP A 221 52.93 4.05 24.77
CA ASP A 221 53.05 3.69 23.36
C ASP A 221 51.83 4.22 22.59
N VAL A 222 52.01 5.36 21.92
CA VAL A 222 50.91 6.05 21.23
C VAL A 222 50.49 5.22 20.00
N ASN A 223 49.65 4.22 20.27
CA ASN A 223 49.11 3.33 19.22
C ASN A 223 47.63 2.98 19.38
N SER A 224 47.07 3.10 20.58
CA SER A 224 45.62 3.03 20.79
C SER A 224 44.88 4.15 20.02
N PHE A 225 45.55 5.30 19.87
CA PHE A 225 45.08 6.37 18.98
C PHE A 225 45.11 5.93 17.52
N CYS A 226 46.16 5.19 17.14
CA CYS A 226 46.24 4.56 15.82
C CYS A 226 45.17 3.47 15.65
N ALA A 227 44.89 2.76 16.74
CA ALA A 227 43.82 1.75 16.77
C ALA A 227 42.43 2.40 16.67
N LEU A 228 42.28 3.60 17.23
CA LEU A 228 41.07 4.42 17.00
C LEU A 228 41.02 4.93 15.56
N ALA A 229 42.16 5.41 15.05
CA ALA A 229 42.29 5.88 13.67
C ALA A 229 41.94 4.80 12.63
N ALA A 230 42.24 3.54 12.97
CA ALA A 230 41.79 2.40 12.16
C ALA A 230 40.25 2.31 12.08
N ILE A 231 39.58 2.58 13.20
CA ILE A 231 38.11 2.64 13.24
C ILE A 231 37.59 3.89 12.51
N SER A 232 38.33 4.99 12.56
CA SER A 232 37.99 6.22 11.82
C SER A 232 38.02 5.99 10.30
N LEU A 233 39.14 5.47 9.81
CA LEU A 233 39.33 5.17 8.37
C LEU A 233 38.24 4.24 7.80
N LEU A 234 37.77 3.31 8.63
CA LEU A 234 36.63 2.45 8.28
C LEU A 234 35.37 3.29 8.03
N GLY A 235 35.12 4.23 8.93
CA GLY A 235 34.01 5.19 8.81
C GLY A 235 34.10 6.08 7.57
N VAL A 236 35.31 6.49 7.23
CA VAL A 236 35.57 7.26 6.00
C VAL A 236 35.29 6.39 4.76
N LEU A 237 35.83 5.17 4.77
CA LEU A 237 35.64 4.20 3.68
C LEU A 237 34.17 3.89 3.40
N GLN A 238 33.40 3.72 4.46
CA GLN A 238 31.97 3.41 4.35
C GLN A 238 31.17 4.61 3.86
N ALA A 239 31.34 5.74 4.53
CA ALA A 239 30.68 7.01 4.16
C ALA A 239 30.92 7.40 2.70
N PHE A 240 32.12 7.13 2.19
CA PHE A 240 32.47 7.38 0.78
C PHE A 240 31.53 6.65 -0.19
N LEU A 241 31.10 5.45 0.17
CA LEU A 241 30.15 4.67 -0.62
C LEU A 241 28.74 5.26 -0.57
N SER A 242 28.31 5.69 0.61
CA SER A 242 26.98 6.32 0.81
C SER A 242 26.70 7.51 -0.12
N HIS A 243 27.73 8.30 -0.39
CA HIS A 243 27.67 9.36 -1.41
C HIS A 243 27.54 8.80 -2.83
N LYS A 244 28.28 7.73 -3.13
CA LYS A 244 28.26 7.10 -4.45
C LYS A 244 27.01 6.24 -4.74
N MET A 245 26.15 6.01 -3.72
CA MET A 245 24.87 5.31 -3.92
C MET A 245 23.77 6.21 -4.53
N GLY A 246 23.56 7.35 -3.87
CA GLY A 246 22.51 8.33 -4.21
C GLY A 246 22.27 8.68 -5.67
N PRO A 247 23.33 8.97 -6.45
CA PRO A 247 23.19 9.21 -7.90
C PRO A 247 22.46 8.10 -8.68
N TYR A 248 22.66 6.84 -8.28
CA TYR A 248 22.04 5.70 -8.96
C TYR A 248 20.59 5.45 -8.55
N LYS A 249 20.25 5.77 -7.30
CA LYS A 249 18.86 5.70 -6.82
C LYS A 249 17.91 6.60 -7.61
N ALA A 250 18.36 7.83 -7.88
CA ALA A 250 17.57 8.81 -8.65
C ALA A 250 17.29 8.35 -10.08
N GLN A 251 18.24 7.64 -10.68
CA GLN A 251 18.06 7.04 -12.00
C GLN A 251 17.07 5.86 -11.99
N LYS A 252 17.11 5.06 -10.92
CA LYS A 252 16.22 3.90 -10.77
C LYS A 252 14.79 4.31 -10.43
N VAL A 253 14.64 5.13 -9.38
CA VAL A 253 13.30 5.55 -8.88
C VAL A 253 12.44 6.24 -9.97
N LEU A 254 13.09 6.98 -10.87
CA LEU A 254 12.43 7.57 -12.04
C LEU A 254 11.99 6.50 -13.04
N LEU A 255 12.87 5.53 -13.32
CA LEU A 255 12.58 4.46 -14.28
C LEU A 255 11.51 3.48 -13.80
N THR A 256 11.60 3.04 -12.54
CA THR A 256 10.68 2.04 -11.99
C THR A 256 9.19 2.44 -12.04
N ASN A 257 8.92 3.75 -12.02
CA ASN A 257 7.56 4.27 -12.18
C ASN A 257 7.02 4.05 -13.59
N LYS A 258 7.88 4.24 -14.60
CA LYS A 258 7.45 4.12 -16.02
C LYS A 258 6.77 2.79 -16.33
N ARG A 259 7.40 1.69 -15.93
CA ARG A 259 6.82 0.35 -16.09
C ARG A 259 5.62 0.12 -15.16
N LEU A 260 5.69 0.64 -13.94
CA LEU A 260 4.62 0.46 -12.94
C LEU A 260 3.31 1.17 -13.32
N ALA A 261 3.42 2.34 -13.93
CA ALA A 261 2.28 3.09 -14.47
C ALA A 261 1.76 2.45 -15.76
N LEU A 262 2.68 2.03 -16.64
CA LEU A 262 2.33 1.35 -17.88
C LEU A 262 1.61 0.00 -17.66
N THR A 263 2.09 -0.77 -16.68
CA THR A 263 1.41 -2.02 -16.27
C THR A 263 -0.03 -1.77 -15.79
N SER A 264 -0.25 -0.64 -15.10
CA SER A 264 -1.60 -0.23 -14.67
C SER A 264 -2.51 0.05 -15.86
N GLU A 265 -1.96 0.64 -16.92
CA GLU A 265 -2.70 0.86 -18.17
C GLU A 265 -3.04 -0.46 -18.87
N ILE A 266 -2.01 -1.26 -19.14
CA ILE A 266 -2.16 -2.48 -19.95
C ILE A 266 -3.08 -3.53 -19.31
N MET A 267 -3.01 -3.65 -17.98
CA MET A 267 -3.70 -4.73 -17.26
C MET A 267 -5.21 -4.48 -17.11
N GLU A 268 -5.59 -3.22 -16.95
CA GLU A 268 -7.00 -2.83 -16.77
C GLU A 268 -7.84 -3.07 -18.02
N ASN A 269 -7.29 -2.73 -19.18
CA ASN A 269 -7.95 -2.95 -20.47
C ASN A 269 -7.35 -4.15 -21.20
N LEU A 270 -7.36 -5.31 -20.52
CA LEU A 270 -6.79 -6.54 -21.05
C LEU A 270 -7.65 -7.14 -22.15
N HIS A 271 -8.97 -7.05 -21.97
CA HIS A 271 -9.97 -7.61 -22.89
C HIS A 271 -9.77 -7.13 -24.33
N SER A 272 -9.40 -5.86 -24.47
CA SER A 272 -9.04 -5.28 -25.77
C SER A 272 -7.70 -5.82 -26.28
N VAL A 273 -6.69 -5.84 -25.40
CA VAL A 273 -5.32 -6.28 -25.76
C VAL A 273 -5.36 -7.68 -26.37
N LYS A 274 -6.14 -8.55 -25.75
CA LYS A 274 -6.38 -9.89 -26.29
C LYS A 274 -7.25 -9.89 -27.55
N ALA A 275 -8.27 -9.03 -27.57
CA ALA A 275 -9.17 -8.90 -28.73
C ALA A 275 -8.43 -8.51 -30.02
N TYR A 276 -7.50 -7.56 -29.90
CA TYR A 276 -6.56 -7.26 -30.99
C TYR A 276 -5.66 -8.47 -31.19
N GLY A 277 -5.12 -8.97 -30.09
CA GLY A 277 -4.31 -10.19 -30.08
C GLY A 277 -2.85 -9.89 -30.31
N TRP A 278 -2.26 -9.10 -29.40
CA TRP A 278 -0.83 -8.78 -29.45
C TRP A 278 0.02 -9.79 -28.65
N GLU A 279 0.25 -9.53 -27.36
CA GLU A 279 1.06 -10.40 -26.48
C GLU A 279 2.52 -10.65 -26.91
N GLU A 280 3.01 -9.88 -27.88
CA GLU A 280 4.39 -10.00 -28.39
C GLU A 280 5.14 -8.68 -28.18
N ILE A 281 4.51 -7.59 -28.60
CA ILE A 281 5.07 -6.24 -28.45
C ILE A 281 5.06 -5.80 -26.98
N MET A 282 4.01 -6.16 -26.25
CA MET A 282 3.88 -5.82 -24.82
C MET A 282 4.95 -6.45 -23.94
N GLU A 283 5.48 -7.60 -24.36
CA GLU A 283 6.62 -8.23 -23.69
C GLU A 283 7.91 -7.44 -23.93
N THR A 284 8.29 -7.33 -25.20
CA THR A 284 9.57 -6.72 -25.61
C THR A 284 9.67 -5.22 -25.27
N LEU A 285 8.54 -4.53 -25.29
CA LEU A 285 8.48 -3.12 -24.86
C LEU A 285 8.82 -2.99 -23.36
N ILE A 286 8.25 -3.87 -22.53
CA ILE A 286 8.56 -3.91 -21.10
C ILE A 286 10.02 -4.36 -20.86
N LYS A 287 10.43 -5.41 -21.57
CA LYS A 287 11.82 -5.90 -21.51
C LYS A 287 12.85 -4.82 -21.86
N ASN A 288 12.54 -3.97 -22.85
CA ASN A 288 13.45 -2.93 -23.29
C ASN A 288 13.68 -1.86 -22.21
N ILE A 289 12.60 -1.42 -21.56
CA ILE A 289 12.71 -0.47 -20.44
C ILE A 289 13.24 -1.11 -19.14
N ARG A 290 13.07 -2.43 -19.01
CA ARG A 290 13.66 -3.19 -17.89
C ARG A 290 15.20 -3.19 -17.89
N GLN A 291 15.79 -3.30 -19.09
CA GLN A 291 17.26 -3.36 -19.28
C GLN A 291 18.06 -2.39 -18.40
N ASP A 292 17.64 -1.12 -18.43
CA ASP A 292 18.27 -0.08 -17.62
C ASP A 292 18.09 -0.29 -16.11
N GLU A 293 16.89 -0.74 -15.72
CA GLU A 293 16.61 -1.06 -14.31
C GLU A 293 17.51 -2.19 -13.80
N VAL A 294 17.73 -3.20 -14.64
CA VAL A 294 18.62 -4.33 -14.30
C VAL A 294 20.08 -3.89 -14.20
N LYS A 295 20.54 -3.14 -15.20
CA LYS A 295 21.91 -2.60 -15.24
C LYS A 295 22.22 -1.72 -14.02
N LEU A 296 21.32 -0.78 -13.73
CA LEU A 296 21.45 0.09 -12.56
C LEU A 296 21.38 -0.66 -11.23
N THR A 297 20.46 -1.62 -11.11
CA THR A 297 20.36 -2.47 -9.91
C THR A 297 21.64 -3.28 -9.69
N ARG A 298 22.18 -3.84 -10.76
CA ARG A 298 23.45 -4.58 -10.71
C ARG A 298 24.61 -3.67 -10.30
N LYS A 299 24.64 -2.48 -10.87
CA LYS A 299 25.67 -1.49 -10.57
C LYS A 299 25.61 -0.98 -9.13
N ILE A 300 24.42 -0.94 -8.55
CA ILE A 300 24.23 -0.61 -7.12
C ILE A 300 24.65 -1.79 -6.24
N GLY A 301 24.08 -2.95 -6.53
CA GLY A 301 24.30 -4.18 -5.74
C GLY A 301 25.76 -4.58 -5.57
N SER A 302 26.53 -4.52 -6.66
CA SER A 302 27.96 -4.81 -6.63
C SER A 302 28.74 -3.83 -5.75
N LEU A 303 28.28 -2.58 -5.72
CA LEU A 303 28.87 -1.54 -4.86
C LEU A 303 28.58 -1.84 -3.39
N ARG A 304 27.34 -2.24 -3.10
CA ARG A 304 26.88 -2.48 -1.72
C ARG A 304 27.55 -3.66 -1.00
N TYR A 305 28.16 -4.57 -1.77
CA TYR A 305 28.94 -5.70 -1.24
C TYR A 305 30.08 -5.25 -0.34
N PHE A 306 30.84 -4.27 -0.82
CA PHE A 306 32.02 -3.74 -0.09
C PHE A 306 31.65 -3.08 1.24
N TYR A 307 30.47 -2.45 1.27
CA TYR A 307 29.94 -1.78 2.46
C TYR A 307 29.68 -2.76 3.61
N SER A 308 29.23 -3.96 3.25
CA SER A 308 29.04 -5.07 4.20
C SER A 308 30.35 -5.82 4.46
N SER A 309 31.14 -6.01 3.41
CA SER A 309 32.40 -6.77 3.48
C SER A 309 33.47 -6.14 4.38
N ALA A 310 33.61 -4.82 4.28
CA ALA A 310 34.62 -4.05 5.04
C ALA A 310 34.58 -4.31 6.55
N TYR A 311 33.38 -4.47 7.10
CA TYR A 311 33.19 -4.81 8.51
C TYR A 311 33.86 -6.14 8.87
N PHE A 312 33.74 -7.14 7.99
CA PHE A 312 34.37 -8.45 8.22
C PHE A 312 35.90 -8.39 8.16
N PHE A 313 36.42 -7.71 7.14
CA PHE A 313 37.87 -7.55 6.97
C PHE A 313 38.50 -6.55 7.95
N SER A 314 37.68 -5.77 8.67
CA SER A 314 38.17 -4.81 9.65
C SER A 314 38.91 -5.44 10.83
N ALA A 315 38.34 -6.50 11.40
CA ALA A 315 38.85 -7.11 12.64
C ALA A 315 40.35 -7.39 12.59
N ILE A 316 40.77 -8.16 11.57
CA ILE A 316 42.19 -8.48 11.38
C ILE A 316 43.06 -7.23 11.16
N PHE A 317 42.51 -6.25 10.43
CA PHE A 317 43.23 -5.00 10.14
C PHE A 317 43.46 -4.16 11.39
N VAL A 318 42.42 -4.04 12.22
CA VAL A 318 42.51 -3.24 13.45
C VAL A 318 43.36 -3.94 14.51
N ILE A 319 43.13 -5.25 14.68
CA ILE A 319 43.85 -6.04 15.69
C ILE A 319 45.36 -6.09 15.43
N VAL A 320 45.75 -6.31 14.18
CA VAL A 320 47.18 -6.42 13.83
C VAL A 320 47.86 -5.08 14.06
N ALA A 321 47.37 -4.06 13.35
CA ALA A 321 47.90 -2.69 13.45
C ALA A 321 47.96 -2.14 14.87
N ALA A 322 47.08 -2.63 15.74
CA ALA A 322 47.11 -2.27 17.16
C ALA A 322 48.32 -2.85 17.91
N VAL A 323 48.63 -4.12 17.66
CA VAL A 323 49.59 -4.89 18.48
C VAL A 323 51.02 -4.91 17.94
N VAL A 324 51.18 -4.99 16.62
CA VAL A 324 52.50 -5.15 16.00
C VAL A 324 53.44 -3.94 16.12
N PRO A 325 52.90 -2.74 16.45
CA PRO A 325 53.81 -1.70 16.93
C PRO A 325 54.36 -1.98 18.33
N HIS A 326 53.55 -2.58 19.20
CA HIS A 326 54.01 -3.01 20.52
C HIS A 326 55.00 -4.17 20.41
N ALA A 327 54.94 -4.91 19.31
CA ALA A 327 55.98 -5.91 19.00
C ALA A 327 57.37 -5.27 18.96
N LEU A 328 57.46 -4.07 18.36
CA LEU A 328 58.70 -3.28 18.42
C LEU A 328 58.84 -2.82 19.86
N SER A 329 59.93 -3.25 20.49
CA SER A 329 60.18 -3.07 21.93
C SER A 329 59.22 -3.93 22.77
N ARG A 330 59.54 -4.03 24.06
CA ARG A 330 58.78 -4.83 25.04
C ARG A 330 58.62 -6.33 24.69
N GLY A 331 59.62 -6.90 24.01
CA GLY A 331 59.68 -8.33 23.68
C GLY A 331 58.40 -8.92 23.10
N ILE A 332 57.82 -9.87 23.83
CA ILE A 332 56.57 -10.54 23.44
C ILE A 332 55.91 -11.18 24.66
N ASN A 333 54.58 -11.16 24.70
CA ASN A 333 53.82 -11.79 25.78
C ASN A 333 52.40 -12.14 25.35
N LEU A 334 51.94 -13.32 25.77
CA LEU A 334 50.69 -13.92 25.31
C LEU A 334 49.46 -13.35 26.04
N ARG A 335 49.57 -13.22 27.36
CA ARG A 335 48.47 -12.63 28.16
C ARG A 335 48.29 -11.13 27.87
N ARG A 336 49.36 -10.49 27.41
CA ARG A 336 49.30 -9.10 26.96
C ARG A 336 48.42 -8.94 25.71
N ILE A 337 48.54 -9.88 24.77
CA ILE A 337 47.80 -9.78 23.48
C ILE A 337 46.30 -10.07 23.68
N PHE A 338 46.00 -11.24 24.22
CA PHE A 338 44.61 -11.72 24.29
C PHE A 338 43.65 -10.73 24.94
N THR A 339 44.09 -10.10 26.03
CA THR A 339 43.29 -9.07 26.71
C THR A 339 43.05 -7.84 25.82
N THR A 340 44.10 -7.39 25.11
CA THR A 340 44.01 -6.22 24.23
C THR A 340 43.19 -6.49 22.96
N LEU A 341 43.13 -7.76 22.54
CA LEU A 341 42.26 -8.16 21.42
C LEU A 341 40.80 -8.09 21.84
N SER A 342 40.49 -8.72 22.98
CA SER A 342 39.13 -8.72 23.54
C SER A 342 38.57 -7.32 23.80
N TYR A 343 39.40 -6.42 24.31
CA TYR A 343 39.01 -5.02 24.51
C TYR A 343 38.76 -4.27 23.20
N CYS A 344 39.49 -4.65 22.14
CA CYS A 344 39.37 -4.00 20.85
C CYS A 344 38.00 -4.25 20.21
N MET A 345 37.64 -5.51 20.06
CA MET A 345 36.42 -5.92 19.33
C MET A 345 35.10 -5.43 19.95
N VAL A 346 35.11 -5.15 21.26
CA VAL A 346 33.99 -4.48 21.92
C VAL A 346 33.81 -3.08 21.32
N LEU A 347 34.90 -2.31 21.36
CA LEU A 347 34.90 -0.93 20.82
C LEU A 347 34.70 -0.88 19.31
N ARG A 348 35.20 -1.90 18.61
CA ARG A 348 35.04 -2.03 17.17
C ARG A 348 33.57 -2.20 16.79
N MET A 349 32.86 -3.04 17.54
CA MET A 349 31.43 -3.26 17.32
C MET A 349 30.59 -2.05 17.72
N THR A 350 30.72 -1.62 18.98
CA THR A 350 29.86 -0.53 19.54
C THR A 350 29.95 0.83 18.83
N VAL A 351 31.07 1.10 18.13
CA VAL A 351 31.23 2.32 17.34
C VAL A 351 30.61 2.20 15.93
N THR A 352 30.70 1.02 15.32
CA THR A 352 30.18 0.79 13.95
C THR A 352 28.75 0.25 13.88
N ARG A 353 28.39 -0.62 14.82
CA ARG A 353 27.11 -1.33 14.80
C ARG A 353 25.91 -0.42 15.10
N GLN A 354 25.87 0.11 16.32
CA GLN A 354 24.68 0.82 16.84
C GLN A 354 24.77 2.35 16.99
N LEU A 355 25.98 2.89 17.11
CA LEU A 355 26.20 4.35 17.18
C LEU A 355 25.58 5.11 15.99
N PRO A 356 25.67 4.55 14.76
CA PRO A 356 24.93 5.17 13.65
C PRO A 356 23.41 5.14 13.83
N GLY A 357 22.87 3.97 14.20
CA GLY A 357 21.44 3.79 14.42
C GLY A 357 20.82 4.63 15.54
N SER A 358 21.63 4.97 16.54
CA SER A 358 21.19 5.87 17.62
C SER A 358 21.02 7.30 17.12
N ILE A 359 22.05 7.82 16.45
CA ILE A 359 22.05 9.17 15.86
C ILE A 359 20.98 9.27 14.75
N GLN A 360 20.86 8.21 13.96
CA GLN A 360 19.84 8.06 12.92
C GLN A 360 18.43 8.41 13.39
N MET A 361 18.09 8.00 14.62
CA MET A 361 16.73 8.17 15.14
C MET A 361 16.42 9.61 15.53
N TRP A 362 17.30 10.20 16.35
CA TRP A 362 17.07 11.57 16.87
C TRP A 362 16.95 12.67 15.80
N TYR A 363 17.55 12.44 14.64
CA TYR A 363 17.32 13.30 13.47
C TYR A 363 15.90 13.13 12.94
N ASP A 364 15.41 11.88 12.89
CA ASP A 364 14.05 11.60 12.42
C ASP A 364 12.98 12.05 13.41
N THR A 365 12.98 11.47 14.60
CA THR A 365 11.89 11.65 15.58
C THR A 365 11.62 13.14 15.92
N MET A 366 12.69 13.93 16.03
CA MET A 366 12.57 15.37 16.26
C MET A 366 12.01 16.11 15.04
N ARG A 367 12.47 15.73 13.85
CA ARG A 367 11.97 16.28 12.59
C ARG A 367 10.50 15.95 12.38
N LEU A 368 10.08 14.78 12.84
CA LEU A 368 8.66 14.41 12.84
C LEU A 368 7.86 15.19 13.87
N ILE A 369 8.37 15.29 15.11
CA ILE A 369 7.70 16.07 16.18
C ILE A 369 7.49 17.55 15.78
N TRP A 370 8.47 18.14 15.10
CA TRP A 370 8.30 19.44 14.44
C TRP A 370 7.04 19.56 13.56
N LYS A 371 6.75 18.53 12.75
CA LYS A 371 5.57 18.52 11.89
C LYS A 371 4.25 18.50 12.67
N ILE A 372 4.21 17.76 13.79
CA ILE A 372 3.03 17.74 14.68
C ILE A 372 2.86 19.11 15.36
N GLU A 373 3.97 19.66 15.88
CA GLU A 373 4.00 20.99 16.50
C GLU A 373 3.45 22.10 15.60
N GLU A 374 3.83 22.05 14.32
CA GLU A 374 3.26 22.95 13.32
C GLU A 374 1.77 22.69 13.11
N PHE A 375 1.40 21.41 12.99
CA PHE A 375 0.02 21.00 12.71
C PHE A 375 -0.96 21.38 13.80
N LEU A 376 -0.57 21.18 15.06
CA LEU A 376 -1.41 21.59 16.22
C LEU A 376 -1.56 23.11 16.39
N SER A 377 -0.64 23.88 15.80
CA SER A 377 -0.75 25.34 15.76
C SER A 377 -1.78 25.89 14.76
N LYS A 378 -2.27 25.05 13.83
CA LYS A 378 -3.20 25.50 12.80
C LYS A 378 -4.54 25.92 13.37
N GLU A 379 -5.17 26.88 12.68
CA GLU A 379 -6.37 27.57 13.18
C GLU A 379 -7.60 26.68 13.18
N GLU A 380 -8.47 26.91 14.15
CA GLU A 380 -9.53 25.97 14.50
C GLU A 380 -10.92 26.40 14.02
N TYR A 381 -11.83 25.43 13.95
CA TYR A 381 -13.25 25.67 13.72
C TYR A 381 -13.87 26.42 14.90
N LYS A 382 -14.55 27.52 14.62
CA LYS A 382 -15.27 28.27 15.64
C LYS A 382 -16.55 27.53 15.98
N LEU A 383 -16.69 27.13 17.24
CA LEU A 383 -17.82 26.31 17.69
C LEU A 383 -19.15 27.02 17.51
N MET A 384 -20.19 26.24 17.23
CA MET A 384 -21.53 26.75 16.92
C MET A 384 -22.12 27.58 18.06
N GLU A 385 -22.68 28.74 17.70
CA GLU A 385 -23.30 29.67 18.66
C GLU A 385 -24.79 29.87 18.30
N TYR A 386 -25.51 28.77 18.15
CA TYR A 386 -26.94 28.76 17.83
C TYR A 386 -27.84 28.80 19.07
N ASP A 387 -27.27 28.75 20.27
CA ASP A 387 -28.01 28.53 21.51
C ASP A 387 -28.88 29.73 21.92
N LEU A 388 -29.97 29.93 21.17
CA LEU A 388 -30.92 31.01 21.42
C LEU A 388 -32.28 30.67 20.84
N SER A 389 -33.28 31.43 21.29
CA SER A 389 -34.67 31.25 20.88
C SER A 389 -35.43 32.57 20.99
N ILE A 390 -34.86 33.61 20.41
CA ILE A 390 -35.48 34.96 20.37
C ILE A 390 -36.24 35.11 19.04
N THR A 391 -35.52 35.01 17.93
CA THR A 391 -36.11 35.18 16.59
C THR A 391 -35.26 34.52 15.49
N GLU A 392 -35.93 34.14 14.40
CA GLU A 392 -35.30 33.51 13.23
C GLU A 392 -34.31 34.43 12.50
N LEU A 393 -33.70 33.92 11.42
CA LEU A 393 -32.60 34.61 10.73
C LEU A 393 -33.03 35.87 9.95
N GLU A 394 -32.15 36.89 9.96
CA GLU A 394 -32.29 38.08 9.12
C GLU A 394 -30.92 38.72 8.90
N LEU A 395 -30.54 38.85 7.64
CA LEU A 395 -29.22 39.40 7.25
C LEU A 395 -29.36 40.86 6.78
N GLN A 396 -28.23 41.53 6.61
CA GLN A 396 -28.19 42.93 6.16
C GLN A 396 -26.80 43.37 5.64
N ASP A 397 -26.65 43.39 4.31
CA ASP A 397 -25.38 43.74 3.63
C ASP A 397 -24.20 42.91 4.14
N VAL A 398 -24.29 41.61 3.91
CA VAL A 398 -23.26 40.64 4.32
C VAL A 398 -22.29 40.38 3.17
N THR A 399 -20.98 40.47 3.48
CA THR A 399 -19.90 40.29 2.51
C THR A 399 -19.02 39.10 2.93
N ALA A 400 -18.50 38.38 1.95
CA ALA A 400 -17.70 37.16 2.19
C ALA A 400 -16.75 36.79 1.05
N SER A 401 -15.63 36.16 1.44
CA SER A 401 -14.54 35.79 0.53
C SER A 401 -13.95 34.43 0.94
N TRP A 402 -13.49 33.68 -0.07
CA TRP A 402 -13.00 32.31 0.11
C TRP A 402 -11.49 32.29 0.32
N ALA A 437 -12.31 40.52 -5.78
CA ALA A 437 -13.66 40.02 -5.97
C ALA A 437 -14.08 39.10 -4.80
N PRO A 438 -14.85 39.65 -3.84
CA PRO A 438 -15.49 38.79 -2.82
C PRO A 438 -16.50 37.82 -3.42
N VAL A 439 -16.59 36.63 -2.86
CA VAL A 439 -17.47 35.57 -3.40
C VAL A 439 -18.93 35.98 -3.19
N LEU A 440 -19.20 36.60 -2.05
CA LEU A 440 -20.48 37.26 -1.79
C LEU A 440 -20.23 38.72 -1.43
N LYS A 441 -21.11 39.59 -1.94
CA LYS A 441 -20.98 41.04 -1.74
C LYS A 441 -22.32 41.67 -1.36
N ASP A 442 -22.49 41.92 -0.06
CA ASP A 442 -23.66 42.63 0.50
C ASP A 442 -25.02 41.97 0.19
N ILE A 443 -25.24 40.79 0.79
CA ILE A 443 -26.53 40.12 0.70
C ILE A 443 -27.46 40.71 1.77
N SER A 444 -28.73 40.84 1.41
CA SER A 444 -29.76 41.41 2.27
C SER A 444 -31.06 40.62 2.17
N LEU A 445 -31.45 39.98 3.27
CA LEU A 445 -32.74 39.27 3.39
C LEU A 445 -33.21 39.18 4.85
N LYS A 446 -34.40 39.72 5.11
CA LYS A 446 -35.04 39.64 6.41
C LYS A 446 -36.04 38.50 6.36
N LEU A 447 -35.53 37.29 6.56
CA LEU A 447 -36.34 36.07 6.46
C LEU A 447 -37.29 35.95 7.65
N LYS A 448 -38.58 35.80 7.37
CA LYS A 448 -39.61 35.63 8.40
C LYS A 448 -39.86 34.13 8.64
N LYS A 449 -40.17 33.78 9.88
CA LYS A 449 -40.25 32.38 10.30
C LYS A 449 -41.42 31.63 9.68
N GLY A 450 -41.28 30.30 9.67
CA GLY A 450 -42.30 29.37 9.19
C GLY A 450 -42.73 29.57 7.76
N GLU A 451 -41.78 29.95 6.90
CA GLU A 451 -42.08 30.32 5.51
C GLU A 451 -41.12 29.71 4.49
N MET A 452 -41.59 29.70 3.24
CA MET A 452 -40.93 29.02 2.12
C MET A 452 -40.02 29.96 1.36
N LEU A 453 -38.92 29.44 0.81
CA LEU A 453 -37.96 30.28 0.06
C LEU A 453 -37.12 29.45 -0.91
N ALA A 454 -36.77 30.06 -2.04
CA ALA A 454 -35.97 29.40 -3.09
C ALA A 454 -34.95 30.36 -3.69
N VAL A 455 -33.76 29.84 -4.00
CA VAL A 455 -32.64 30.65 -4.52
C VAL A 455 -31.88 29.87 -5.60
N THR A 456 -31.51 30.56 -6.68
CA THR A 456 -30.72 29.93 -7.76
C THR A 456 -30.05 30.97 -8.67
N GLY A 457 -29.22 30.49 -9.58
CA GLY A 457 -28.55 31.34 -10.57
C GLY A 457 -27.72 30.54 -11.56
N SER A 458 -26.52 31.02 -11.85
CA SER A 458 -25.56 30.34 -12.74
C SER A 458 -24.91 29.15 -12.03
N MET A 459 -23.97 28.50 -12.71
CA MET A 459 -23.18 27.39 -12.13
C MET A 459 -22.36 27.88 -10.93
N GLY A 460 -21.64 28.98 -11.12
CA GLY A 460 -21.01 29.72 -10.02
C GLY A 460 -22.01 30.67 -9.39
N SER A 461 -21.68 31.95 -9.36
CA SER A 461 -22.57 33.03 -8.90
C SER A 461 -23.12 32.85 -7.47
N GLY A 462 -22.30 32.29 -6.58
CA GLY A 462 -22.69 32.07 -5.17
C GLY A 462 -23.74 31.00 -4.98
N LYS A 463 -23.54 29.84 -5.60
CA LYS A 463 -24.50 28.73 -5.60
C LYS A 463 -24.46 28.00 -4.25
N SER A 464 -23.31 27.43 -3.93
CA SER A 464 -23.12 26.60 -2.72
C SER A 464 -22.57 27.38 -1.52
N SER A 465 -22.07 28.59 -1.74
CA SER A 465 -21.40 29.38 -0.71
C SER A 465 -22.36 29.97 0.32
N LEU A 466 -23.46 30.54 -0.17
CA LEU A 466 -24.45 31.22 0.68
C LEU A 466 -24.99 30.35 1.82
N LEU A 467 -25.12 29.05 1.58
CA LEU A 467 -25.52 28.10 2.63
C LEU A 467 -24.43 27.95 3.70
N MET A 468 -23.17 27.87 3.26
CA MET A 468 -22.03 27.68 4.17
C MET A 468 -21.92 28.77 5.22
N THR A 469 -22.30 29.99 4.86
CA THR A 469 -22.32 31.12 5.80
C THR A 469 -23.45 31.00 6.84
N ILE A 470 -24.59 30.45 6.43
CA ILE A 470 -25.71 30.17 7.35
C ILE A 470 -25.35 28.99 8.28
N LEU A 471 -24.71 27.97 7.71
CA LEU A 471 -24.19 26.84 8.51
C LEU A 471 -23.13 27.27 9.52
N GLY A 472 -22.19 28.08 9.04
CA GLY A 472 -21.03 28.53 9.81
C GLY A 472 -19.73 27.85 9.43
N GLU A 473 -19.64 27.33 8.19
CA GLU A 473 -18.44 26.70 7.70
C GLU A 473 -17.47 27.78 7.25
N LEU A 474 -17.95 28.67 6.38
CA LEU A 474 -17.21 29.86 5.96
C LEU A 474 -17.53 31.02 6.90
N VAL A 475 -16.54 31.88 7.11
CA VAL A 475 -16.63 33.01 8.03
C VAL A 475 -17.02 34.27 7.24
N PRO A 476 -18.02 35.05 7.73
CA PRO A 476 -18.44 36.25 7.00
C PRO A 476 -17.44 37.38 7.19
N SER A 477 -17.02 37.97 6.08
CA SER A 477 -15.96 39.00 6.11
C SER A 477 -16.39 40.28 6.81
N SER A 478 -17.62 40.73 6.52
CA SER A 478 -18.22 41.86 7.22
C SER A 478 -19.73 41.82 7.04
N GLY A 479 -20.44 42.21 8.09
CA GLY A 479 -21.91 42.24 8.08
C GLY A 479 -22.52 41.80 9.40
N LYS A 480 -23.82 41.48 9.34
CA LYS A 480 -24.58 41.02 10.50
C LYS A 480 -25.46 39.82 10.13
N ILE A 481 -25.06 38.63 10.58
CA ILE A 481 -25.84 37.40 10.43
C ILE A 481 -26.09 36.82 11.83
N ARG A 482 -27.33 36.41 12.08
CA ARG A 482 -27.75 35.95 13.40
C ARG A 482 -29.04 35.13 13.30
N HIS A 483 -28.93 33.82 13.56
CA HIS A 483 -30.05 32.88 13.52
C HIS A 483 -30.18 32.16 14.86
N SER A 484 -31.41 31.96 15.31
CA SER A 484 -31.70 31.28 16.59
C SER A 484 -32.10 29.82 16.36
N GLY A 485 -31.79 28.96 17.33
CA GLY A 485 -32.20 27.55 17.28
C GLY A 485 -31.34 26.66 16.39
N ARG A 486 -31.52 25.35 16.54
CA ARG A 486 -30.69 24.35 15.84
C ARG A 486 -31.01 24.23 14.35
N ILE A 487 -29.97 24.01 13.56
CA ILE A 487 -30.02 24.11 12.09
C ILE A 487 -29.70 22.75 11.46
N SER A 488 -30.62 22.24 10.64
CA SER A 488 -30.40 21.01 9.89
C SER A 488 -29.63 21.27 8.58
N TYR A 489 -29.25 20.20 7.89
CA TYR A 489 -28.44 20.30 6.67
C TYR A 489 -28.49 19.03 5.83
N SER A 490 -28.51 19.22 4.51
CA SER A 490 -28.37 18.14 3.53
C SER A 490 -27.47 18.64 2.41
N SER A 491 -26.41 17.88 2.12
CA SER A 491 -25.33 18.35 1.25
C SER A 491 -25.53 18.03 -0.23
N GLN A 492 -24.61 18.56 -1.05
CA GLN A 492 -24.57 18.31 -2.49
C GLN A 492 -24.28 16.84 -2.79
N THR A 493 -23.04 16.41 -2.52
CA THR A 493 -22.61 15.02 -2.74
C THR A 493 -22.88 14.20 -1.49
N ALA A 494 -23.67 13.13 -1.64
CA ALA A 494 -24.03 12.24 -0.54
C ALA A 494 -22.95 11.20 -0.28
N TRP A 495 -22.80 10.81 0.98
CA TRP A 495 -21.96 9.66 1.35
C TRP A 495 -22.70 8.77 2.37
N ILE A 496 -22.36 7.48 2.35
CA ILE A 496 -23.03 6.46 3.16
C ILE A 496 -22.06 5.84 4.16
N MET A 497 -22.41 5.92 5.45
CA MET A 497 -21.69 5.24 6.53
C MET A 497 -21.88 3.73 6.34
N PRO A 498 -20.79 2.94 6.45
CA PRO A 498 -20.91 1.54 6.03
C PRO A 498 -21.67 0.67 7.04
N GLY A 499 -22.84 0.18 6.63
CA GLY A 499 -23.66 -0.72 7.47
C GLY A 499 -25.12 -0.80 7.07
N THR A 500 -26.01 -0.56 8.02
CA THR A 500 -27.46 -0.66 7.82
C THR A 500 -28.01 0.65 7.25
N ILE A 501 -29.13 0.54 6.53
CA ILE A 501 -29.78 1.70 5.91
C ILE A 501 -30.40 2.60 6.98
N ARG A 502 -31.10 2.00 7.95
CA ARG A 502 -31.65 2.73 9.10
C ARG A 502 -30.59 3.47 9.91
N ASP A 503 -29.38 2.92 9.99
CA ASP A 503 -28.25 3.60 10.63
C ASP A 503 -27.93 4.93 9.95
N ASN A 504 -27.97 4.95 8.62
CA ASN A 504 -27.82 6.19 7.85
C ASN A 504 -29.01 7.12 8.04
N ILE A 505 -30.22 6.57 8.03
CA ILE A 505 -31.45 7.38 8.11
C ILE A 505 -31.63 7.96 9.51
N LEU A 506 -31.79 7.08 10.50
CA LEU A 506 -32.06 7.48 11.89
C LEU A 506 -30.85 8.18 12.52
N PHE A 507 -29.65 7.63 12.29
CA PHE A 507 -28.35 8.27 12.61
C PHE A 507 -28.26 9.02 13.95
N GLY A 508 -28.14 8.25 15.03
CA GLY A 508 -28.09 8.81 16.38
C GLY A 508 -29.43 9.35 16.86
N LEU A 509 -30.49 8.59 16.59
CA LEU A 509 -31.82 8.86 17.14
C LEU A 509 -32.51 7.55 17.57
N THR A 510 -33.70 7.68 18.15
CA THR A 510 -34.51 6.52 18.57
C THR A 510 -35.61 6.22 17.55
N TYR A 511 -35.94 4.94 17.43
CA TYR A 511 -36.95 4.46 16.49
C TYR A 511 -38.36 4.74 16.99
N ASP A 512 -39.25 5.09 16.07
CA ASP A 512 -40.65 5.43 16.36
C ASP A 512 -41.59 4.91 15.27
N GLU A 513 -42.89 4.97 15.57
CA GLU A 513 -43.92 4.37 14.72
C GLU A 513 -44.13 5.10 13.39
N TYR A 514 -44.73 6.30 13.47
CA TYR A 514 -45.27 6.98 12.31
C TYR A 514 -44.18 7.68 11.50
N ARG A 515 -43.38 8.48 12.19
CA ARG A 515 -42.37 9.34 11.56
C ARG A 515 -41.56 8.59 10.50
N TYR A 516 -40.93 7.50 10.92
CA TYR A 516 -40.10 6.68 10.04
C TYR A 516 -40.88 6.19 8.81
N LYS A 517 -42.12 5.74 9.06
CA LYS A 517 -42.97 5.17 8.00
C LYS A 517 -43.37 6.24 6.98
N SER A 518 -43.93 7.32 7.50
CA SER A 518 -44.37 8.45 6.66
C SER A 518 -43.21 9.09 5.90
N VAL A 519 -42.04 9.17 6.53
CA VAL A 519 -40.85 9.76 5.90
C VAL A 519 -40.34 8.86 4.79
N VAL A 520 -40.12 7.59 5.09
CA VAL A 520 -39.67 6.60 4.10
C VAL A 520 -40.70 6.44 2.95
N LYS A 521 -41.99 6.55 3.29
CA LYS A 521 -43.05 6.57 2.29
C LYS A 521 -42.97 7.82 1.41
N ALA A 522 -42.76 8.97 2.05
CA ALA A 522 -42.64 10.26 1.35
C ALA A 522 -41.36 10.39 0.52
N CYS A 523 -40.31 9.67 0.89
CA CYS A 523 -39.00 9.73 0.19
C CYS A 523 -38.91 8.88 -1.10
N GLN A 524 -40.02 8.26 -1.51
CA GLN A 524 -40.08 7.41 -2.71
C GLN A 524 -39.13 6.20 -2.62
N LEU A 525 -39.29 5.46 -1.52
CA LEU A 525 -38.57 4.20 -1.28
C LEU A 525 -39.54 3.05 -0.98
N GLU A 526 -40.79 3.18 -1.41
CA GLU A 526 -41.83 2.16 -1.21
C GLU A 526 -41.56 0.93 -2.09
N GLU A 527 -41.00 1.17 -3.27
CA GLU A 527 -40.53 0.10 -4.15
C GLU A 527 -39.29 -0.59 -3.56
N ASP A 528 -38.34 0.22 -3.09
CA ASP A 528 -37.11 -0.27 -2.45
C ASP A 528 -37.36 -0.91 -1.08
N LEU A 529 -38.51 -0.60 -0.47
CA LEU A 529 -38.99 -1.29 0.74
C LEU A 529 -39.24 -2.78 0.44
N ALA A 530 -40.06 -3.04 -0.58
CA ALA A 530 -40.43 -4.41 -0.96
C ALA A 530 -39.35 -5.16 -1.74
N ALA A 531 -38.62 -4.43 -2.61
CA ALA A 531 -37.66 -5.05 -3.54
C ALA A 531 -36.47 -5.75 -2.87
N LEU A 532 -35.92 -5.15 -1.82
CA LEU A 532 -34.71 -5.67 -1.15
C LEU A 532 -35.02 -6.92 -0.33
N PRO A 533 -34.03 -7.85 -0.19
CA PRO A 533 -34.29 -9.11 0.53
C PRO A 533 -34.41 -8.95 2.05
N GLU A 534 -33.40 -8.33 2.66
CA GLU A 534 -33.38 -8.07 4.11
C GLU A 534 -34.14 -6.80 4.51
N LYS A 535 -34.61 -6.05 3.52
CA LYS A 535 -35.50 -4.88 3.71
C LYS A 535 -34.76 -3.70 4.37
N ASP A 536 -35.02 -3.45 5.66
CA ASP A 536 -34.38 -2.37 6.41
C ASP A 536 -32.99 -2.78 6.92
N LYS A 537 -32.77 -4.09 7.05
CA LYS A 537 -31.51 -4.65 7.56
C LYS A 537 -30.49 -5.00 6.45
N THR A 538 -30.66 -4.41 5.27
CA THR A 538 -29.76 -4.66 4.13
C THR A 538 -28.40 -4.01 4.38
N PRO A 539 -27.30 -4.78 4.23
CA PRO A 539 -25.97 -4.22 4.43
C PRO A 539 -25.50 -3.41 3.22
N MET A 540 -24.78 -2.32 3.50
CA MET A 540 -24.24 -1.44 2.46
C MET A 540 -22.83 -0.99 2.83
N ALA A 541 -21.99 -0.88 1.81
CA ALA A 541 -20.57 -0.56 1.98
C ALA A 541 -19.96 -0.12 0.65
N GLU A 542 -18.68 0.25 0.69
CA GLU A 542 -17.88 0.66 -0.49
C GLU A 542 -18.33 2.01 -1.09
N GLY A 543 -19.52 2.03 -1.69
CA GLY A 543 -20.06 3.25 -2.29
C GLY A 543 -21.38 3.03 -3.00
N GLY A 544 -21.40 3.26 -4.31
CA GLY A 544 -22.60 3.12 -5.15
C GLY A 544 -22.59 1.93 -6.10
N LEU A 545 -21.94 0.84 -5.69
CA LEU A 545 -21.92 -0.41 -6.44
C LEU A 545 -23.12 -1.28 -6.08
N ASN A 546 -23.40 -1.40 -4.79
CA ASN A 546 -24.54 -2.17 -4.28
C ASN A 546 -25.89 -1.50 -4.60
N LEU A 547 -26.03 -0.24 -4.20
CA LEU A 547 -27.22 0.58 -4.48
C LEU A 547 -26.88 1.70 -5.46
N SER A 548 -27.90 2.17 -6.19
CA SER A 548 -27.74 3.17 -7.24
C SER A 548 -27.65 4.60 -6.70
N GLY A 549 -27.09 5.49 -7.52
CA GLY A 549 -26.95 6.92 -7.18
C GLY A 549 -28.26 7.61 -6.87
N GLY A 550 -29.33 7.16 -7.52
CA GLY A 550 -30.70 7.57 -7.18
C GLY A 550 -31.06 7.19 -5.76
N GLN A 551 -30.85 5.92 -5.41
CA GLN A 551 -31.12 5.41 -4.07
C GLN A 551 -30.20 6.03 -2.99
N LYS A 552 -28.98 6.37 -3.38
CA LYS A 552 -28.06 7.14 -2.54
C LYS A 552 -28.61 8.55 -2.26
N ALA A 553 -29.12 9.20 -3.31
CA ALA A 553 -29.76 10.51 -3.19
C ALA A 553 -31.05 10.51 -2.35
N ARG A 554 -31.77 9.39 -2.34
CA ARG A 554 -32.94 9.24 -1.46
C ARG A 554 -32.52 9.21 0.01
N VAL A 555 -31.66 8.24 0.35
CA VAL A 555 -31.22 8.01 1.73
C VAL A 555 -30.43 9.22 2.28
N ALA A 556 -29.80 9.97 1.37
CA ALA A 556 -29.18 11.26 1.72
C ALA A 556 -30.23 12.24 2.25
N LEU A 557 -31.33 12.39 1.50
CA LEU A 557 -32.43 13.28 1.87
C LEU A 557 -33.16 12.81 3.13
N ALA A 558 -33.25 11.49 3.32
CA ALA A 558 -33.94 10.88 4.46
C ALA A 558 -33.48 11.41 5.83
N ARG A 559 -32.19 11.71 5.95
CA ARG A 559 -31.61 12.26 7.19
C ARG A 559 -32.32 13.54 7.62
N ALA A 560 -32.26 14.54 6.74
CA ALA A 560 -32.80 15.87 7.02
C ALA A 560 -34.32 15.87 7.16
N VAL A 561 -34.99 15.08 6.33
CA VAL A 561 -36.44 14.96 6.37
C VAL A 561 -36.88 14.29 7.69
N TYR A 562 -36.19 13.23 8.09
CA TYR A 562 -36.45 12.56 9.37
C TYR A 562 -36.08 13.45 10.57
N ARG A 563 -35.02 14.24 10.41
CA ARG A 563 -34.50 15.08 11.48
C ARG A 563 -35.44 16.23 11.83
N ASP A 564 -35.42 16.60 13.12
CA ASP A 564 -36.21 17.71 13.65
C ASP A 564 -35.26 18.90 13.88
N ALA A 565 -35.66 20.06 13.39
CA ALA A 565 -34.84 21.28 13.51
C ALA A 565 -35.65 22.56 13.27
N ASP A 566 -35.02 23.70 13.57
CA ASP A 566 -35.62 25.03 13.39
C ASP A 566 -35.44 25.62 12.00
N LEU A 567 -34.42 25.17 11.27
CA LEU A 567 -34.15 25.62 9.90
C LEU A 567 -33.67 24.45 9.04
N TYR A 568 -34.25 24.33 7.84
CA TYR A 568 -33.92 23.24 6.90
C TYR A 568 -33.19 23.76 5.65
N LEU A 569 -32.04 23.15 5.36
CA LEU A 569 -31.16 23.55 4.26
C LEU A 569 -30.83 22.37 3.34
N LEU A 570 -31.35 22.41 2.11
CA LEU A 570 -30.99 21.48 1.03
C LEU A 570 -30.14 22.22 -0.01
N ASP A 571 -29.27 21.48 -0.69
CA ASP A 571 -28.37 22.03 -1.73
C ASP A 571 -28.32 21.12 -2.96
N ALA A 572 -29.12 21.48 -3.97
CA ALA A 572 -29.21 20.73 -5.24
C ALA A 572 -29.52 19.24 -5.05
N PRO A 573 -30.67 18.93 -4.40
CA PRO A 573 -31.05 17.53 -4.17
C PRO A 573 -31.53 16.79 -5.42
N PHE A 574 -32.04 17.52 -6.42
CA PHE A 574 -32.63 16.93 -7.64
C PHE A 574 -31.63 16.93 -8.80
N THR A 575 -30.56 16.14 -8.66
CA THR A 575 -29.65 15.84 -9.77
C THR A 575 -30.32 14.96 -10.84
N HIS A 576 -31.28 14.13 -10.40
CA HIS A 576 -31.99 13.19 -11.28
C HIS A 576 -33.19 13.86 -11.96
N LEU A 577 -33.48 13.40 -13.18
CA LEU A 577 -34.43 14.05 -14.10
C LEU A 577 -35.80 13.34 -14.09
N ASP A 578 -36.31 13.08 -12.89
CA ASP A 578 -37.53 12.30 -12.70
C ASP A 578 -38.75 13.21 -12.64
N ILE A 579 -39.51 13.27 -13.73
CA ILE A 579 -40.73 14.09 -13.82
C ILE A 579 -41.75 13.68 -12.75
N ALA A 580 -41.90 12.37 -12.54
CA ALA A 580 -42.78 11.83 -11.50
C ALA A 580 -42.24 12.10 -10.09
N THR A 581 -41.03 11.60 -9.82
CA THR A 581 -40.40 11.67 -8.49
C THR A 581 -40.29 13.10 -7.96
N GLU A 582 -39.81 14.03 -8.81
CA GLU A 582 -39.66 15.44 -8.43
C GLU A 582 -40.96 16.03 -7.89
N LYS A 583 -42.01 15.96 -8.70
CA LYS A 583 -43.33 16.50 -8.33
C LYS A 583 -44.04 15.69 -7.23
N GLU A 584 -43.83 14.37 -7.20
CA GLU A 584 -44.34 13.51 -6.12
C GLU A 584 -43.81 13.94 -4.76
N ILE A 585 -42.48 13.97 -4.62
CA ILE A 585 -41.84 14.34 -3.34
C ILE A 585 -42.02 15.82 -2.99
N PHE A 586 -42.04 16.69 -4.02
CA PHE A 586 -42.31 18.12 -3.80
C PHE A 586 -43.75 18.40 -3.36
N ASP A 587 -44.72 17.74 -3.99
CA ASP A 587 -46.14 17.93 -3.66
C ASP A 587 -46.56 17.18 -2.38
N LYS A 588 -46.20 15.90 -2.30
CA LYS A 588 -46.65 15.03 -1.20
C LYS A 588 -45.95 15.31 0.13
N CYS A 589 -44.61 15.37 0.11
CA CYS A 589 -43.83 15.47 1.35
C CYS A 589 -43.84 16.87 1.95
N LEU A 590 -43.40 17.85 1.17
CA LEU A 590 -43.19 19.22 1.67
C LEU A 590 -44.49 19.90 2.09
N CYS A 591 -45.40 20.06 1.14
CA CYS A 591 -46.69 20.74 1.35
C CYS A 591 -47.49 20.18 2.54
N LYS A 592 -47.52 18.86 2.64
CA LYS A 592 -48.25 18.18 3.71
C LYS A 592 -47.48 18.19 5.03
N LEU A 593 -46.22 17.77 4.99
CA LEU A 593 -45.42 17.58 6.22
C LEU A 593 -44.58 18.82 6.59
N MET A 594 -43.66 19.20 5.70
CA MET A 594 -42.60 20.17 6.05
C MET A 594 -42.96 21.66 5.89
N ALA A 595 -44.09 21.95 5.26
CA ALA A 595 -44.46 23.32 4.87
C ALA A 595 -44.85 24.24 6.03
N SER A 596 -45.29 23.67 7.15
CA SER A 596 -45.52 24.44 8.37
C SER A 596 -44.21 25.08 8.87
N LYS A 597 -43.11 24.36 8.72
CA LYS A 597 -41.78 24.84 9.10
C LYS A 597 -41.06 25.53 7.94
N THR A 598 -40.06 26.35 8.29
CA THR A 598 -39.28 27.12 7.30
C THR A 598 -38.44 26.21 6.40
N ARG A 599 -38.24 26.64 5.15
CA ARG A 599 -37.40 25.90 4.20
C ARG A 599 -36.71 26.78 3.16
N ILE A 600 -35.44 26.48 2.90
CA ILE A 600 -34.66 27.08 1.81
C ILE A 600 -34.23 25.95 0.87
N LEU A 601 -34.30 26.20 -0.43
CA LEU A 601 -33.96 25.20 -1.46
C LEU A 601 -33.27 25.83 -2.66
N VAL A 602 -32.37 25.05 -3.28
CA VAL A 602 -31.69 25.44 -4.52
C VAL A 602 -32.04 24.45 -5.62
N THR A 603 -32.74 24.95 -6.64
CA THR A 603 -33.20 24.13 -7.77
C THR A 603 -33.51 24.99 -9.00
N ASN A 604 -33.88 24.33 -10.10
CA ASN A 604 -34.20 25.02 -11.37
C ASN A 604 -35.48 24.47 -12.01
N LYS A 605 -36.62 24.84 -11.42
CA LYS A 605 -37.94 24.45 -11.91
C LYS A 605 -38.96 25.57 -11.71
N ILE A 606 -39.50 26.09 -12.83
CA ILE A 606 -40.47 27.20 -12.83
C ILE A 606 -41.70 26.96 -11.93
N GLU A 607 -42.13 25.70 -11.83
CA GLU A 607 -43.23 25.32 -10.94
C GLU A 607 -42.87 25.56 -9.47
N HIS A 608 -41.63 25.21 -9.10
CA HIS A 608 -41.12 25.45 -7.74
C HIS A 608 -40.91 26.95 -7.50
N LEU A 609 -40.34 27.64 -8.48
CA LEU A 609 -40.17 29.09 -8.41
C LEU A 609 -41.51 29.82 -8.25
N LYS A 610 -42.51 29.39 -9.02
CA LYS A 610 -43.87 29.94 -8.93
C LYS A 610 -44.58 29.59 -7.62
N ARG A 611 -44.33 28.37 -7.12
CA ARG A 611 -44.85 27.95 -5.81
C ARG A 611 -44.25 28.75 -4.66
N ALA A 612 -42.96 29.05 -4.74
CA ALA A 612 -42.21 29.69 -3.65
C ALA A 612 -42.76 31.06 -3.24
N ASP A 613 -42.64 31.38 -1.96
CA ASP A 613 -43.09 32.68 -1.41
C ASP A 613 -42.11 33.79 -1.76
N LYS A 614 -40.81 33.53 -1.58
CA LYS A 614 -39.75 34.48 -1.93
C LYS A 614 -38.64 33.83 -2.78
N ILE A 615 -38.31 34.49 -3.89
CA ILE A 615 -37.28 34.03 -4.83
C ILE A 615 -36.09 34.97 -4.75
N LEU A 616 -34.88 34.47 -5.07
CA LEU A 616 -33.67 35.30 -5.13
C LEU A 616 -32.70 34.87 -6.24
N LEU A 617 -32.14 35.86 -6.93
CA LEU A 617 -31.21 35.65 -8.05
C LEU A 617 -29.91 36.44 -7.82
N LEU A 618 -28.80 35.82 -8.18
CA LEU A 618 -27.46 36.35 -7.90
C LEU A 618 -26.72 36.75 -9.17
N HIS A 619 -25.63 37.50 -8.98
CA HIS A 619 -24.71 37.86 -10.07
C HIS A 619 -23.29 38.00 -9.51
N ASN A 620 -22.61 36.87 -9.44
CA ASN A 620 -21.18 36.79 -9.09
C ASN A 620 -20.84 37.44 -7.73
N GLY A 621 -21.74 37.28 -6.76
CA GLY A 621 -21.60 37.89 -5.44
C GLY A 621 -22.51 39.08 -5.21
N GLU A 622 -22.76 39.86 -6.25
CA GLU A 622 -23.72 40.97 -6.20
C GLU A 622 -25.10 40.45 -6.61
N SER A 623 -26.13 40.99 -5.96
CA SER A 623 -27.50 40.49 -6.12
C SER A 623 -28.13 40.98 -7.41
N PHE A 624 -28.72 40.06 -8.17
CA PHE A 624 -29.48 40.44 -9.38
C PHE A 624 -30.84 40.98 -8.98
N PHE A 625 -31.72 40.12 -8.46
CA PHE A 625 -32.99 40.56 -7.87
C PHE A 625 -33.60 39.48 -6.99
N TYR A 626 -34.39 39.90 -6.00
CA TYR A 626 -35.16 38.99 -5.16
C TYR A 626 -36.61 39.47 -5.06
N GLY A 627 -37.54 38.52 -5.11
CA GLY A 627 -38.98 38.81 -5.01
C GLY A 627 -39.82 37.70 -5.60
N THR A 628 -40.85 38.09 -6.37
CA THR A 628 -41.75 37.17 -7.07
C THR A 628 -42.03 37.66 -8.50
N PHE A 629 -42.56 36.75 -9.33
CA PHE A 629 -42.85 37.04 -10.75
C PHE A 629 -43.81 38.20 -11.00
N PRO A 630 -44.87 38.35 -10.16
CA PRO A 630 -45.72 39.55 -10.26
C PRO A 630 -44.99 40.86 -9.99
N GLU A 631 -44.12 40.85 -8.99
CA GLU A 631 -43.24 41.99 -8.70
C GLU A 631 -42.20 42.16 -9.80
N LEU A 632 -41.67 41.04 -10.29
CA LEU A 632 -40.71 41.01 -11.40
C LEU A 632 -41.30 41.59 -12.70
N GLN A 633 -42.59 41.34 -12.94
CA GLN A 633 -43.32 41.94 -14.07
C GLN A 633 -43.38 43.47 -14.00
N SER A 634 -43.32 44.02 -12.78
CA SER A 634 -43.12 45.45 -12.55
C SER A 634 -41.65 45.81 -12.25
N GLU A 635 -40.70 45.10 -12.87
CA GLU A 635 -39.26 45.33 -12.70
C GLU A 635 -38.53 45.10 -14.03
N ARG A 636 -38.55 43.86 -14.50
CA ARG A 636 -37.88 43.46 -15.76
C ARG A 636 -38.82 42.60 -16.63
N PRO A 637 -39.75 43.24 -17.36
CA PRO A 637 -40.74 42.49 -18.16
C PRO A 637 -40.14 41.68 -19.31
N ASP A 638 -39.08 42.20 -19.92
CA ASP A 638 -38.31 41.48 -20.93
C ASP A 638 -37.67 40.21 -20.36
N PHE A 639 -37.12 40.33 -19.16
CA PHE A 639 -36.55 39.18 -18.43
C PHE A 639 -37.66 38.20 -18.06
N SER A 640 -38.77 38.74 -17.57
CA SER A 640 -39.96 37.95 -17.18
C SER A 640 -40.49 37.11 -18.33
N SER A 641 -40.63 37.73 -19.50
CA SER A 641 -41.06 37.04 -20.72
C SER A 641 -39.99 36.06 -21.21
N LEU A 642 -38.80 36.59 -21.47
CA LEU A 642 -37.70 35.81 -22.09
C LEU A 642 -37.18 34.63 -21.24
N LEU A 643 -37.29 34.74 -19.92
CA LEU A 643 -37.02 33.61 -19.03
C LEU A 643 -38.09 32.53 -19.18
N LEU A 644 -39.36 32.97 -19.25
CA LEU A 644 -40.51 32.08 -19.43
C LEU A 644 -40.61 31.46 -20.82
N GLY A 645 -39.98 32.11 -21.81
CA GLY A 645 -39.99 31.71 -23.23
C GLY A 645 -39.96 30.23 -23.58
N LEU A 646 -39.19 29.44 -22.83
CA LEU A 646 -39.16 27.99 -23.00
C LEU A 646 -40.50 27.36 -22.56
N GLU A 647 -41.23 26.80 -23.51
CA GLU A 647 -42.58 26.28 -23.27
C GLU A 647 -42.56 24.98 -22.46
N ALA A 648 -41.91 23.95 -23.01
CA ALA A 648 -41.75 22.65 -22.34
C ALA A 648 -40.48 22.68 -21.48
N TYR A 649 -40.56 23.40 -20.37
CA TYR A 649 -39.40 23.66 -19.50
C TYR A 649 -39.16 22.56 -18.45
N ASP A 650 -40.24 21.97 -17.93
CA ASP A 650 -40.17 20.94 -16.89
C ASP A 650 -39.49 19.64 -17.34
N ASN A 651 -39.61 19.32 -18.62
CA ASN A 651 -39.00 18.11 -19.21
C ASN A 651 -37.56 18.27 -19.75
N ILE A 652 -36.97 19.46 -19.60
CA ILE A 652 -35.58 19.71 -20.03
C ILE A 652 -34.63 19.07 -19.02
N SER A 653 -33.45 18.66 -19.49
CA SER A 653 -32.41 18.07 -18.64
C SER A 653 -31.81 19.10 -17.68
N ALA A 654 -31.36 18.63 -16.53
CA ALA A 654 -30.85 19.49 -15.44
C ALA A 654 -29.65 20.30 -15.90
N GLU A 655 -28.65 19.62 -16.44
CA GLU A 655 -27.45 20.28 -16.99
C GLU A 655 -27.76 21.25 -18.14
N ARG A 656 -28.80 20.95 -18.92
CA ARG A 656 -29.26 21.79 -20.03
C ARG A 656 -29.93 23.07 -19.50
N ARG A 657 -31.03 22.89 -18.77
CA ARG A 657 -31.82 24.03 -18.28
C ARG A 657 -31.04 24.94 -17.32
N CYS A 658 -30.09 24.37 -16.58
CA CYS A 658 -29.14 25.15 -15.78
C CYS A 658 -28.25 26.03 -16.65
N SER A 659 -27.75 25.46 -17.75
CA SER A 659 -26.95 26.22 -18.73
C SER A 659 -27.78 27.27 -19.48
N ILE A 660 -29.06 26.95 -19.75
CA ILE A 660 -29.99 27.92 -20.34
C ILE A 660 -30.19 29.11 -19.41
N LEU A 661 -30.44 28.82 -18.12
CA LEU A 661 -30.51 29.85 -17.07
C LEU A 661 -29.21 30.64 -16.95
N THR A 662 -28.08 29.93 -16.92
CA THR A 662 -26.74 30.54 -16.88
C THR A 662 -26.57 31.53 -18.04
N GLU A 663 -26.91 31.10 -19.25
CA GLU A 663 -26.79 31.95 -20.43
C GLU A 663 -27.77 33.13 -20.40
N THR A 664 -29.07 32.86 -20.32
CA THR A 664 -30.10 33.89 -20.49
C THR A 664 -30.02 35.06 -19.48
N LEU A 665 -29.63 34.77 -18.24
CA LEU A 665 -29.49 35.79 -17.20
C LEU A 665 -28.36 36.77 -17.55
N HIS A 666 -27.19 36.22 -17.83
CA HIS A 666 -26.02 37.03 -18.23
C HIS A 666 -26.16 37.64 -19.63
N ARG A 667 -27.02 37.05 -20.45
CA ARG A 667 -27.36 37.58 -21.78
C ARG A 667 -28.21 38.85 -21.66
N VAL A 668 -29.29 38.76 -20.88
CA VAL A 668 -30.19 39.90 -20.67
C VAL A 668 -29.50 41.02 -19.89
N SER A 669 -28.83 40.66 -18.78
CA SER A 669 -28.17 41.64 -17.91
C SER A 669 -26.86 42.14 -18.51
N THR A 841 2.54 -21.15 5.43
CA THR A 841 3.29 -22.42 5.68
C THR A 841 4.46 -22.58 4.70
N THR A 842 5.67 -22.32 5.19
CA THR A 842 6.89 -22.45 4.37
C THR A 842 7.24 -23.93 4.16
N LYS A 843 7.82 -24.23 3.00
CA LYS A 843 8.17 -25.59 2.60
C LYS A 843 9.62 -25.68 2.12
N TRP A 844 10.11 -26.91 2.02
CA TRP A 844 11.47 -27.18 1.55
C TRP A 844 11.61 -27.01 0.03
N ASN A 845 10.49 -27.13 -0.69
CA ASN A 845 10.48 -27.05 -2.16
C ASN A 845 10.70 -25.63 -2.71
N THR A 846 10.13 -24.64 -2.05
CA THR A 846 10.21 -23.23 -2.48
C THR A 846 11.64 -22.70 -2.59
N TYR A 847 12.55 -23.24 -1.79
CA TYR A 847 13.98 -22.99 -1.95
C TYR A 847 14.52 -23.69 -3.19
N VAL A 848 14.18 -24.97 -3.34
CA VAL A 848 14.65 -25.79 -4.47
C VAL A 848 14.31 -25.15 -5.81
N ARG A 849 13.08 -24.67 -5.95
CA ARG A 849 12.64 -23.94 -7.14
C ARG A 849 13.46 -22.67 -7.39
N TYR A 850 13.73 -21.93 -6.31
CA TYR A 850 14.46 -20.65 -6.39
C TYR A 850 15.91 -20.84 -6.86
N VAL A 851 16.55 -21.89 -6.34
CA VAL A 851 17.91 -22.26 -6.76
C VAL A 851 17.92 -22.88 -8.17
N SER A 852 16.86 -23.62 -8.52
CA SER A 852 16.79 -24.37 -9.78
C SER A 852 16.82 -23.54 -11.07
N ASN A 853 16.48 -22.25 -10.98
CA ASN A 853 16.49 -21.37 -12.17
C ASN A 853 17.89 -21.19 -12.76
N ASN A 854 18.73 -20.41 -12.09
CA ASN A 854 20.10 -20.20 -12.51
C ASN A 854 20.99 -21.33 -11.97
N LYS A 855 21.69 -22.01 -12.87
CA LYS A 855 22.65 -23.04 -12.51
C LYS A 855 23.93 -22.44 -11.90
N SER A 856 24.26 -21.21 -12.30
CA SER A 856 25.43 -20.48 -11.80
C SER A 856 25.43 -20.27 -10.28
N LEU A 857 24.26 -20.15 -9.68
CA LEU A 857 24.10 -20.08 -8.22
C LEU A 857 24.47 -21.40 -7.52
N LEU A 858 24.34 -22.52 -8.24
CA LEU A 858 24.82 -23.82 -7.76
C LEU A 858 26.32 -23.95 -8.01
N TYR A 859 26.75 -23.60 -9.23
CA TYR A 859 28.19 -23.62 -9.60
C TYR A 859 29.09 -22.63 -8.86
N VAL A 860 28.51 -21.57 -8.29
CA VAL A 860 29.27 -20.65 -7.41
C VAL A 860 29.46 -21.26 -6.02
N LEU A 861 28.42 -21.96 -5.55
CA LEU A 861 28.42 -22.57 -4.21
C LEU A 861 29.38 -23.77 -4.03
N ILE A 862 29.79 -24.42 -5.13
CA ILE A 862 30.64 -25.63 -5.05
C ILE A 862 32.02 -25.33 -4.45
N PHE A 863 32.64 -24.22 -4.87
CA PHE A 863 34.01 -23.87 -4.43
C PHE A 863 34.08 -22.97 -3.20
N ILE A 864 32.96 -22.29 -2.88
CA ILE A 864 32.86 -21.51 -1.63
C ILE A 864 32.73 -22.42 -0.40
N LEU A 865 32.34 -23.68 -0.61
CA LEU A 865 32.40 -24.71 0.44
C LEU A 865 33.83 -25.22 0.63
N PHE A 866 34.51 -25.51 -0.49
CA PHE A 866 35.90 -26.00 -0.47
C PHE A 866 36.85 -25.15 0.36
N ILE A 867 36.80 -23.84 0.13
CA ILE A 867 37.64 -22.88 0.88
C ILE A 867 37.45 -22.96 2.40
N ALA A 868 36.23 -23.24 2.83
CA ALA A 868 35.92 -23.40 4.26
C ALA A 868 36.63 -24.61 4.84
N ALA A 869 36.64 -25.73 4.12
CA ALA A 869 37.30 -26.96 4.54
C ALA A 869 38.82 -26.81 4.60
N ILE A 870 39.38 -26.19 3.56
CA ILE A 870 40.82 -25.88 3.50
C ILE A 870 41.20 -24.96 4.65
N GLU A 871 40.46 -23.85 4.79
CA GLU A 871 40.77 -22.84 5.81
C GLU A 871 40.44 -23.29 7.25
N ILE A 872 39.57 -24.28 7.39
CA ILE A 872 39.38 -24.98 8.68
C ILE A 872 40.63 -25.83 8.94
N ALA A 873 40.92 -26.73 7.99
CA ALA A 873 42.03 -27.68 8.10
C ALA A 873 43.38 -27.01 8.46
N GLY A 874 43.66 -25.89 7.80
CA GLY A 874 44.86 -25.09 8.07
C GLY A 874 44.92 -24.51 9.48
N SER A 875 43.78 -24.05 9.98
CA SER A 875 43.69 -23.52 11.34
C SER A 875 43.82 -24.63 12.37
N VAL A 876 43.21 -25.78 12.10
CA VAL A 876 43.34 -26.97 12.96
C VAL A 876 44.81 -27.38 13.01
N ALA A 877 45.45 -27.43 11.84
CA ALA A 877 46.88 -27.71 11.72
C ALA A 877 47.74 -26.68 12.48
N GLY A 878 47.39 -25.41 12.34
CA GLY A 878 48.10 -24.31 13.01
C GLY A 878 48.00 -24.37 14.52
N ILE A 879 46.76 -24.50 15.01
CA ILE A 879 46.49 -24.62 16.45
C ILE A 879 47.24 -25.81 17.04
N PHE A 880 47.27 -26.91 16.30
CA PHE A 880 47.93 -28.14 16.74
C PHE A 880 49.46 -28.03 16.68
N LEU A 881 50.00 -27.42 15.61
CA LEU A 881 51.43 -27.46 15.32
C LEU A 881 52.24 -26.25 15.81
N ILE A 882 51.68 -25.05 15.71
CA ILE A 882 52.45 -23.81 15.97
C ILE A 882 52.77 -23.59 17.46
N THR A 883 51.73 -23.67 18.30
CA THR A 883 51.75 -23.19 19.70
C THR A 883 53.05 -23.42 20.48
N ASP A 884 53.57 -24.64 20.43
CA ASP A 884 54.76 -25.03 21.19
C ASP A 884 55.94 -24.10 20.94
N GLU A 885 56.13 -23.73 19.67
CA GLU A 885 57.23 -22.85 19.27
C GLU A 885 57.06 -21.40 19.78
N LEU A 886 55.81 -20.97 20.00
CA LEU A 886 55.53 -19.61 20.49
C LEU A 886 56.04 -19.42 21.89
N TRP A 887 55.65 -20.33 22.80
CA TRP A 887 56.19 -20.36 24.16
C TRP A 887 57.70 -20.57 24.17
N ARG A 888 58.18 -21.41 23.26
CA ARG A 888 59.60 -21.73 23.14
C ARG A 888 60.43 -20.56 22.64
N GLU A 889 59.79 -19.62 21.93
CA GLU A 889 60.47 -18.44 21.38
C GLU A 889 61.20 -17.64 22.47
N GLU A 890 60.46 -17.23 23.50
CA GLU A 890 61.06 -16.47 24.62
C GLU A 890 61.84 -17.39 25.57
N HIS A 891 61.25 -18.54 25.89
CA HIS A 891 61.89 -19.56 26.73
C HIS A 891 61.54 -20.96 26.24
N THR A 918 63.03 -12.50 17.90
CA THR A 918 62.46 -12.76 16.57
C THR A 918 60.96 -12.49 16.56
N SER A 919 60.36 -12.56 15.37
CA SER A 919 58.91 -12.51 15.19
C SER A 919 58.31 -13.93 15.25
N SER A 920 58.90 -14.82 14.46
CA SER A 920 58.49 -16.23 14.37
C SER A 920 57.08 -16.37 13.77
N TYR A 921 56.11 -16.88 14.52
CA TYR A 921 54.77 -17.19 13.98
C TYR A 921 53.63 -16.64 14.85
N TYR A 922 53.86 -15.49 15.50
CA TYR A 922 52.85 -14.86 16.34
C TYR A 922 51.74 -14.23 15.48
N ILE A 923 52.14 -13.55 14.41
CA ILE A 923 51.21 -12.82 13.53
C ILE A 923 50.14 -13.73 12.89
N LEU A 924 50.53 -14.97 12.55
CA LEU A 924 49.60 -15.99 12.07
C LEU A 924 48.65 -16.41 13.20
N TYR A 925 49.22 -16.62 14.39
CA TYR A 925 48.46 -17.01 15.59
C TYR A 925 47.38 -16.00 15.99
N ILE A 926 47.57 -14.73 15.61
CA ILE A 926 46.51 -13.71 15.73
C ILE A 926 45.37 -14.05 14.77
N TYR A 927 45.74 -14.24 13.50
CA TYR A 927 44.77 -14.50 12.42
C TYR A 927 43.98 -15.80 12.61
N VAL A 928 44.56 -16.77 13.29
CA VAL A 928 43.85 -18.00 13.67
C VAL A 928 42.66 -17.69 14.59
N ALA A 929 42.86 -16.76 15.51
CA ALA A 929 41.85 -16.40 16.52
C ALA A 929 40.65 -15.65 15.94
N THR A 930 40.90 -14.72 15.02
CA THR A 930 39.83 -13.92 14.39
C THR A 930 39.06 -14.75 13.37
N SER A 931 38.16 -15.60 13.88
CA SER A 931 37.39 -16.54 13.07
C SER A 931 36.38 -15.89 12.11
N GLU A 932 35.94 -14.68 12.45
CA GLU A 932 35.06 -13.88 11.59
C GLU A 932 35.79 -13.41 10.35
N SER A 933 36.95 -12.80 10.55
CA SER A 933 37.79 -12.28 9.46
C SER A 933 38.59 -13.36 8.73
N LEU A 934 38.71 -14.54 9.35
CA LEU A 934 39.37 -15.70 8.73
C LEU A 934 38.57 -16.21 7.52
N LEU A 935 37.32 -16.58 7.77
CA LEU A 935 36.44 -17.20 6.75
C LEU A 935 35.58 -16.22 5.93
N ALA A 936 35.87 -14.92 6.01
CA ALA A 936 35.13 -13.89 5.27
C ALA A 936 35.39 -13.99 3.76
N MET A 937 34.40 -13.56 2.98
CA MET A 937 34.43 -13.66 1.51
C MET A 937 34.91 -12.37 0.84
N GLY A 938 35.92 -12.51 -0.02
CA GLY A 938 36.45 -11.39 -0.82
C GLY A 938 35.82 -11.31 -2.19
N PHE A 939 36.49 -10.56 -3.09
CA PHE A 939 35.94 -10.28 -4.43
C PHE A 939 35.98 -11.50 -5.35
N PHE A 940 37.08 -12.25 -5.33
CA PHE A 940 37.23 -13.44 -6.17
C PHE A 940 36.32 -14.59 -5.72
N ARG A 941 36.05 -14.63 -4.41
CA ARG A 941 35.31 -15.72 -3.78
C ARG A 941 33.81 -15.46 -3.66
N GLY A 942 33.43 -14.22 -3.30
CA GLY A 942 32.05 -13.88 -2.94
C GLY A 942 31.22 -13.00 -3.87
N LEU A 943 31.87 -12.25 -4.76
CA LEU A 943 31.18 -11.27 -5.63
C LEU A 943 30.19 -11.93 -6.61
N PRO A 944 30.56 -13.05 -7.27
CA PRO A 944 29.65 -13.73 -8.19
C PRO A 944 28.27 -14.09 -7.63
N PHE A 945 28.20 -14.34 -6.32
CA PHE A 945 26.93 -14.56 -5.61
C PHE A 945 25.89 -13.45 -5.85
N VAL A 946 26.35 -12.20 -5.88
CA VAL A 946 25.47 -11.06 -6.17
C VAL A 946 25.03 -11.07 -7.63
N HIS A 947 25.96 -11.36 -8.54
CA HIS A 947 25.69 -11.40 -9.99
C HIS A 947 24.70 -12.51 -10.36
N THR A 948 24.91 -13.69 -9.81
CA THR A 948 24.07 -14.86 -10.09
C THR A 948 22.65 -14.79 -9.49
N THR A 949 22.50 -14.11 -8.34
CA THR A 949 21.19 -13.98 -7.70
C THR A 949 20.27 -13.01 -8.45
N ILE A 950 20.79 -11.84 -8.81
CA ILE A 950 19.99 -10.77 -9.45
C ILE A 950 19.39 -11.23 -10.79
N THR A 951 20.13 -12.07 -11.52
CA THR A 951 19.62 -12.69 -12.75
C THR A 951 18.34 -13.52 -12.55
N ILE A 952 18.18 -14.13 -11.37
CA ILE A 952 16.99 -14.95 -11.06
C ILE A 952 15.72 -14.08 -11.00
N SER A 953 15.85 -12.89 -10.42
CA SER A 953 14.73 -11.94 -10.34
C SER A 953 14.29 -11.42 -11.72
N LYS A 954 15.24 -11.33 -12.64
CA LYS A 954 14.96 -10.96 -14.02
C LYS A 954 14.18 -12.05 -14.76
N LYS A 955 14.64 -13.29 -14.64
CA LYS A 955 13.97 -14.44 -15.26
C LYS A 955 12.58 -14.66 -14.67
N LEU A 956 12.52 -14.75 -13.34
CA LEU A 956 11.27 -15.00 -12.59
C LEU A 956 10.17 -13.96 -12.85
N HIS A 957 10.56 -12.75 -13.26
CA HIS A 957 9.64 -11.72 -13.71
C HIS A 957 8.93 -12.13 -15.02
N GLN A 958 9.73 -12.56 -16.01
CA GLN A 958 9.22 -12.98 -17.33
C GLN A 958 8.18 -14.08 -17.24
N LYS A 959 8.46 -15.08 -16.41
CA LYS A 959 7.58 -16.23 -16.23
C LYS A 959 6.22 -15.85 -15.66
N MET A 960 6.17 -14.82 -14.80
CA MET A 960 4.91 -14.32 -14.26
C MET A 960 4.15 -13.56 -15.36
N LEU A 961 4.78 -12.50 -15.87
CA LEU A 961 4.17 -11.61 -16.87
C LEU A 961 3.63 -12.36 -18.09
N HIS A 962 4.38 -13.35 -18.54
CA HIS A 962 3.97 -14.19 -19.67
C HIS A 962 2.76 -15.05 -19.30
N ALA A 963 2.80 -15.62 -18.09
CA ALA A 963 1.74 -16.54 -17.63
C ALA A 963 0.40 -15.85 -17.36
N VAL A 964 0.44 -14.64 -16.81
CA VAL A 964 -0.78 -13.86 -16.54
C VAL A 964 -1.37 -13.30 -17.84
N LEU A 965 -0.50 -12.82 -18.72
CA LEU A 965 -0.90 -12.29 -20.04
C LEU A 965 -1.49 -13.36 -20.96
N SER A 966 -0.85 -14.53 -21.01
CA SER A 966 -1.38 -15.70 -21.74
C SER A 966 -2.08 -16.66 -20.77
N ALA A 967 -3.36 -16.42 -20.53
CA ALA A 967 -4.17 -17.20 -19.60
C ALA A 967 -5.65 -17.13 -19.99
N PRO A 968 -6.47 -18.09 -19.53
CA PRO A 968 -7.90 -18.06 -19.85
C PRO A 968 -8.71 -17.09 -18.99
N MET A 969 -9.72 -16.47 -19.60
CA MET A 969 -10.65 -15.57 -18.93
C MET A 969 -11.80 -16.33 -18.30
N SER A 970 -11.53 -16.87 -17.12
CA SER A 970 -12.56 -17.48 -16.26
C SER A 970 -12.10 -17.41 -14.80
N VAL A 971 -11.01 -18.12 -14.51
CA VAL A 971 -10.30 -17.99 -13.22
C VAL A 971 -9.63 -16.61 -13.08
N LEU A 972 -9.20 -16.05 -14.21
CA LEU A 972 -8.67 -14.67 -14.27
C LEU A 972 -9.69 -13.59 -13.91
N ASN A 973 -10.97 -13.88 -14.11
CA ASN A 973 -12.04 -12.90 -13.91
C ASN A 973 -12.47 -12.67 -12.45
N THR A 974 -12.21 -13.65 -11.57
CA THR A 974 -12.66 -13.58 -10.16
C THR A 974 -11.89 -12.58 -9.28
N MET A 975 -10.58 -12.47 -9.52
CA MET A 975 -9.67 -11.61 -8.73
C MET A 975 -9.93 -10.11 -8.74
N LYS A 976 -10.35 -9.57 -9.88
CA LYS A 976 -10.79 -8.16 -10.04
C LYS A 976 -9.69 -7.11 -9.79
N THR A 977 -8.49 -7.37 -10.31
CA THR A 977 -7.36 -6.41 -10.37
C THR A 977 -7.06 -5.52 -9.13
N GLY A 978 -7.44 -5.98 -7.95
CA GLY A 978 -7.04 -5.35 -6.68
C GLY A 978 -5.94 -6.18 -6.01
N ARG A 979 -5.38 -7.10 -6.79
CA ARG A 979 -4.48 -8.15 -6.33
C ARG A 979 -3.33 -8.46 -7.30
N ILE A 980 -3.57 -8.33 -8.60
CA ILE A 980 -2.54 -8.63 -9.61
C ILE A 980 -1.47 -7.55 -9.55
N MET A 981 -1.89 -6.29 -9.61
CA MET A 981 -1.00 -5.13 -9.50
C MET A 981 -0.20 -5.14 -8.18
N ASN A 982 -0.88 -5.47 -7.09
CA ASN A 982 -0.29 -5.57 -5.75
C ASN A 982 1.02 -6.40 -5.71
N ARG A 983 1.06 -7.49 -6.48
CA ARG A 983 2.25 -8.33 -6.60
C ARG A 983 3.41 -7.56 -7.24
N PHE A 984 3.14 -6.93 -8.39
CA PHE A 984 4.14 -6.14 -9.11
C PHE A 984 4.61 -4.88 -8.36
N THR A 985 3.70 -4.25 -7.62
CA THR A 985 4.03 -3.06 -6.82
C THR A 985 4.98 -3.40 -5.68
N LYS A 986 4.52 -4.30 -4.81
CA LYS A 986 5.22 -4.62 -3.55
C LYS A 986 6.12 -5.86 -3.64
N ASP A 987 5.51 -7.00 -3.97
CA ASP A 987 6.17 -8.31 -3.88
C ASP A 987 7.36 -8.45 -4.86
N MET A 988 7.21 -7.92 -6.06
CA MET A 988 8.28 -7.96 -7.07
C MET A 988 9.47 -7.06 -6.70
N ALA A 989 9.17 -5.92 -6.08
CA ALA A 989 10.20 -4.98 -5.62
C ALA A 989 11.06 -5.53 -4.49
N THR A 990 10.45 -6.26 -3.54
CA THR A 990 11.20 -6.87 -2.41
C THR A 990 12.12 -8.04 -2.84
N ILE A 991 11.67 -8.84 -3.81
CA ILE A 991 12.49 -9.90 -4.41
C ILE A 991 13.63 -9.33 -5.27
N ASP A 992 13.34 -8.24 -5.99
CA ASP A 992 14.33 -7.57 -6.85
C ASP A 992 15.38 -6.79 -6.04
N ASP A 993 14.92 -5.97 -5.10
CA ASP A 993 15.79 -5.04 -4.34
C ASP A 993 16.35 -5.61 -3.02
N MET A 994 15.45 -5.92 -2.08
CA MET A 994 15.87 -6.26 -0.70
C MET A 994 16.38 -7.68 -0.48
N LEU A 995 15.98 -8.64 -1.32
CA LEU A 995 16.35 -10.06 -1.12
C LEU A 995 17.82 -10.44 -1.40
N PRO A 996 18.33 -10.20 -2.63
CA PRO A 996 19.66 -10.70 -3.02
C PRO A 996 20.79 -10.37 -2.04
N LEU A 997 20.83 -9.11 -1.62
CA LEU A 997 21.78 -8.64 -0.59
C LEU A 997 21.55 -9.33 0.75
N LEU A 998 20.28 -9.38 1.19
CA LEU A 998 19.92 -9.94 2.50
C LEU A 998 20.29 -11.41 2.63
N MET A 999 20.25 -12.14 1.50
CA MET A 999 20.66 -13.54 1.47
C MET A 999 22.14 -13.73 1.79
N PHE A 1000 22.98 -12.82 1.28
CA PHE A 1000 24.44 -12.87 1.46
C PHE A 1000 24.87 -12.94 2.94
N ASP A 1001 24.15 -12.22 3.80
CA ASP A 1001 24.36 -12.27 5.25
C ASP A 1001 24.10 -13.68 5.79
N PHE A 1002 22.99 -14.28 5.36
CA PHE A 1002 22.59 -15.62 5.81
C PHE A 1002 23.57 -16.72 5.34
N VAL A 1003 24.15 -16.55 4.15
CA VAL A 1003 25.21 -17.43 3.65
C VAL A 1003 26.51 -17.17 4.42
N GLN A 1004 26.88 -15.90 4.55
CA GLN A 1004 28.13 -15.49 5.21
C GLN A 1004 28.21 -15.91 6.68
N LEU A 1005 27.22 -15.50 7.47
CA LEU A 1005 27.22 -15.71 8.92
C LEU A 1005 27.22 -17.18 9.35
N THR A 1006 26.40 -18.01 8.68
CA THR A 1006 26.36 -19.45 8.94
C THR A 1006 27.72 -20.14 8.74
N VAL A 1007 28.45 -19.72 7.71
CA VAL A 1007 29.82 -20.20 7.44
C VAL A 1007 30.79 -19.84 8.59
N VAL A 1008 30.66 -18.63 9.13
CA VAL A 1008 31.48 -18.19 10.26
C VAL A 1008 31.23 -19.06 11.49
N VAL A 1009 29.95 -19.26 11.83
CA VAL A 1009 29.58 -20.00 13.04
C VAL A 1009 29.88 -21.50 12.92
N VAL A 1010 29.46 -22.11 11.79
CA VAL A 1010 29.69 -23.54 11.55
C VAL A 1010 31.18 -23.85 11.47
N GLY A 1011 31.89 -23.05 10.67
CA GLY A 1011 33.33 -23.18 10.50
C GLY A 1011 34.16 -22.93 11.76
N CYS A 1012 33.63 -22.10 12.67
CA CYS A 1012 34.27 -21.84 13.95
C CYS A 1012 34.16 -23.06 14.85
N ILE A 1013 32.93 -23.50 15.09
CA ILE A 1013 32.64 -24.56 16.06
C ILE A 1013 33.39 -25.86 15.75
N LEU A 1014 33.45 -26.24 14.49
CA LEU A 1014 34.19 -27.43 14.05
C LEU A 1014 35.68 -27.39 14.39
N VAL A 1015 36.30 -26.21 14.31
CA VAL A 1015 37.72 -26.03 14.67
C VAL A 1015 37.88 -26.26 16.17
N VAL A 1016 36.91 -25.76 16.94
CA VAL A 1016 36.90 -25.97 18.40
C VAL A 1016 36.61 -27.44 18.70
N SER A 1017 35.75 -28.04 17.87
CA SER A 1017 35.34 -29.45 18.05
C SER A 1017 36.46 -30.45 17.80
N ILE A 1018 37.15 -30.33 16.66
CA ILE A 1018 38.16 -31.30 16.24
C ILE A 1018 39.22 -31.56 17.32
N VAL A 1019 39.66 -30.49 17.99
CA VAL A 1019 40.67 -30.59 19.06
C VAL A 1019 40.14 -31.30 20.32
N ARG A 1020 38.87 -31.08 20.67
CA ARG A 1020 38.21 -31.73 21.83
C ARG A 1020 37.02 -32.61 21.36
N PRO A 1021 37.27 -33.88 20.99
CA PRO A 1021 36.26 -34.81 20.44
C PRO A 1021 34.88 -34.81 21.10
N TYR A 1022 34.86 -34.74 22.43
CA TYR A 1022 33.61 -34.80 23.20
C TYR A 1022 32.69 -33.59 23.08
N ILE A 1023 33.12 -32.52 22.39
CA ILE A 1023 32.24 -31.38 22.12
C ILE A 1023 31.04 -31.79 21.25
N PHE A 1024 31.27 -32.68 20.28
CA PHE A 1024 30.19 -33.18 19.41
C PHE A 1024 28.93 -33.64 20.15
N LEU A 1025 29.12 -34.32 21.29
CA LEU A 1025 27.99 -34.77 22.13
C LEU A 1025 27.28 -33.59 22.83
N ALA A 1026 28.02 -32.54 23.14
CA ALA A 1026 27.44 -31.30 23.67
C ALA A 1026 26.70 -30.50 22.59
N ALA A 1027 27.26 -30.50 21.37
CA ALA A 1027 26.71 -29.75 20.24
C ALA A 1027 25.45 -30.36 19.63
N THR A 1028 25.47 -31.69 19.42
CA THR A 1028 24.41 -32.36 18.65
C THR A 1028 22.98 -32.23 19.22
N PRO A 1029 22.80 -32.37 20.54
CA PRO A 1029 21.47 -32.11 21.14
C PRO A 1029 21.01 -30.65 21.01
N LEU A 1030 21.90 -29.70 21.26
CA LEU A 1030 21.55 -28.28 21.25
C LEU A 1030 21.14 -27.79 19.86
N ALA A 1031 21.83 -28.28 18.83
CA ALA A 1031 21.48 -27.99 17.44
C ALA A 1031 20.11 -28.58 17.07
N ILE A 1032 19.94 -29.87 17.39
CA ILE A 1032 18.67 -30.59 17.17
C ILE A 1032 17.50 -29.94 17.91
N ILE A 1033 17.74 -29.45 19.12
CA ILE A 1033 16.76 -28.62 19.84
C ILE A 1033 16.51 -27.31 19.08
N PHE A 1034 17.59 -26.64 18.70
CA PHE A 1034 17.52 -25.30 18.09
C PHE A 1034 16.69 -25.21 16.80
N ILE A 1035 16.80 -26.21 15.92
CA ILE A 1035 15.96 -26.27 14.71
C ILE A 1035 14.49 -26.47 15.11
N VAL A 1036 14.23 -27.39 16.05
CA VAL A 1036 12.87 -27.69 16.50
C VAL A 1036 12.18 -26.46 17.09
N MET A 1037 12.93 -25.67 17.89
CA MET A 1037 12.43 -24.39 18.42
C MET A 1037 11.94 -23.45 17.31
N ARG A 1038 12.73 -23.37 16.25
CA ARG A 1038 12.46 -22.45 15.13
C ARG A 1038 11.22 -22.89 14.35
N LYS A 1039 11.13 -24.19 14.10
CA LYS A 1039 9.96 -24.79 13.44
C LYS A 1039 8.70 -24.54 14.28
N TYR A 1040 8.88 -24.61 15.60
CA TYR A 1040 7.79 -24.40 16.56
C TYR A 1040 7.31 -22.96 16.58
N PHE A 1041 8.25 -22.01 16.63
CA PHE A 1041 7.92 -20.58 16.65
C PHE A 1041 7.37 -20.04 15.32
N LEU A 1042 7.92 -20.52 14.21
CA LEU A 1042 7.57 -20.02 12.87
C LEU A 1042 6.12 -20.33 12.44
N ARG A 1043 5.65 -21.54 12.73
CA ARG A 1043 4.28 -21.98 12.35
C ARG A 1043 3.19 -21.15 12.99
N THR A 1044 3.37 -20.79 14.27
CA THR A 1044 2.47 -19.86 14.97
C THR A 1044 2.75 -18.40 14.60
N GLY A 1045 4.02 -18.03 14.53
CA GLY A 1045 4.45 -16.64 14.28
C GLY A 1045 4.06 -16.05 12.93
N GLN A 1046 4.34 -16.79 11.85
CA GLN A 1046 4.00 -16.36 10.48
C GLN A 1046 2.50 -16.14 10.28
N GLN A 1047 1.69 -17.01 10.88
CA GLN A 1047 0.23 -16.86 10.90
C GLN A 1047 -0.22 -15.70 11.79
N LEU A 1048 0.43 -15.55 12.95
CA LEU A 1048 0.11 -14.47 13.89
C LEU A 1048 0.50 -13.08 13.39
N LYS A 1049 1.53 -13.01 12.54
CA LYS A 1049 2.03 -11.74 12.02
C LYS A 1049 1.13 -11.11 10.94
N GLN A 1050 0.64 -11.92 10.01
CA GLN A 1050 -0.24 -11.44 8.91
C GLN A 1050 -1.49 -10.69 9.38
N LEU A 1051 -2.01 -11.08 10.54
CA LEU A 1051 -3.13 -10.39 11.18
C LEU A 1051 -2.85 -8.91 11.52
N GLU A 1052 -1.57 -8.56 11.72
CA GLU A 1052 -1.16 -7.16 11.89
C GLU A 1052 -1.38 -6.37 10.60
N THR A 1053 -0.84 -6.90 9.50
CA THR A 1053 -0.95 -6.25 8.18
C THR A 1053 -2.40 -6.20 7.67
N GLU A 1054 -3.22 -7.18 8.05
CA GLU A 1054 -4.66 -7.14 7.79
C GLU A 1054 -5.36 -6.08 8.65
N ALA A 1055 -5.08 -6.10 9.95
CA ALA A 1055 -5.62 -5.11 10.90
C ALA A 1055 -5.15 -3.68 10.67
N ARG A 1056 -4.06 -3.51 9.91
CA ARG A 1056 -3.55 -2.19 9.52
C ARG A 1056 -4.51 -1.42 8.61
N SER A 1057 -5.19 -2.14 7.72
CA SER A 1057 -5.99 -1.53 6.65
C SER A 1057 -7.24 -0.75 7.11
N PRO A 1058 -7.98 -1.27 8.13
CA PRO A 1058 -9.10 -0.49 8.68
C PRO A 1058 -8.77 0.94 9.11
N ILE A 1059 -7.61 1.13 9.74
CA ILE A 1059 -7.24 2.42 10.33
C ILE A 1059 -7.18 3.55 9.29
N PHE A 1060 -6.67 3.24 8.09
CA PHE A 1060 -6.65 4.23 6.98
C PHE A 1060 -8.04 4.42 6.36
N SER A 1061 -8.71 3.31 6.07
CA SER A 1061 -10.08 3.31 5.52
C SER A 1061 -11.01 4.18 6.34
N HIS A 1062 -10.87 4.11 7.65
CA HIS A 1062 -11.67 4.90 8.58
C HIS A 1062 -11.29 6.39 8.55
N LEU A 1063 -10.01 6.68 8.32
CA LEU A 1063 -9.56 8.08 8.19
C LEU A 1063 -10.00 8.73 6.88
N ILE A 1064 -9.72 8.07 5.76
CA ILE A 1064 -10.06 8.58 4.41
C ILE A 1064 -11.53 8.95 4.28
N MET A 1065 -12.40 8.04 4.73
CA MET A 1065 -13.85 8.22 4.72
C MET A 1065 -14.35 9.35 5.61
N SER A 1066 -13.69 9.55 6.75
CA SER A 1066 -14.08 10.59 7.70
C SER A 1066 -13.88 12.01 7.16
N LEU A 1067 -12.87 12.19 6.31
CA LEU A 1067 -12.57 13.50 5.72
C LEU A 1067 -13.65 14.03 4.76
N LYS A 1068 -14.21 13.14 3.95
CA LYS A 1068 -15.19 13.53 2.92
C LYS A 1068 -16.52 14.04 3.48
N GLY A 1069 -16.89 13.58 4.67
CA GLY A 1069 -18.09 14.06 5.38
C GLY A 1069 -17.83 15.04 6.51
N LEU A 1070 -16.74 15.81 6.42
CA LEU A 1070 -16.33 16.74 7.47
C LEU A 1070 -17.34 17.88 7.69
N TRP A 1071 -18.01 18.31 6.61
CA TRP A 1071 -19.07 19.31 6.70
C TRP A 1071 -20.31 18.73 7.37
N THR A 1072 -20.71 17.54 6.93
CA THR A 1072 -21.94 16.91 7.42
C THR A 1072 -21.81 16.48 8.87
N ILE A 1073 -20.69 15.83 9.20
CA ILE A 1073 -20.49 15.21 10.52
C ILE A 1073 -20.59 16.19 11.70
N ARG A 1074 -20.22 17.45 11.48
CA ARG A 1074 -20.42 18.52 12.46
C ARG A 1074 -21.89 18.91 12.60
N ALA A 1075 -22.58 19.02 11.47
CA ALA A 1075 -23.98 19.50 11.42
C ALA A 1075 -24.96 18.70 12.29
N PHE A 1076 -24.73 17.39 12.40
CA PHE A 1076 -25.50 16.52 13.31
C PHE A 1076 -24.83 16.29 14.67
N GLU A 1077 -23.84 17.12 15.03
CA GLU A 1077 -23.03 16.98 16.26
C GLU A 1077 -22.81 15.52 16.69
N ARG A 1078 -22.06 14.80 15.85
CA ARG A 1078 -21.81 13.37 16.01
C ARG A 1078 -20.29 13.08 16.05
N GLN A 1079 -19.55 13.91 16.78
CA GLN A 1079 -18.09 13.80 16.85
C GLN A 1079 -17.66 12.70 17.80
N ALA A 1080 -18.25 12.70 18.99
CA ALA A 1080 -17.96 11.72 20.04
C ALA A 1080 -18.12 10.27 19.58
N TYR A 1081 -19.15 10.02 18.77
CA TYR A 1081 -19.41 8.68 18.24
C TYR A 1081 -18.26 8.19 17.38
N PHE A 1082 -17.85 9.02 16.41
CA PHE A 1082 -16.70 8.70 15.54
C PHE A 1082 -15.37 8.66 16.29
N GLU A 1083 -15.19 9.59 17.23
CA GLU A 1083 -13.99 9.65 18.06
C GLU A 1083 -13.88 8.39 18.93
N ALA A 1084 -15.02 7.90 19.40
CA ALA A 1084 -15.10 6.63 20.14
C ALA A 1084 -14.86 5.43 19.21
N LEU A 1085 -15.55 5.42 18.06
CA LEU A 1085 -15.41 4.34 17.06
C LEU A 1085 -13.97 4.21 16.55
N PHE A 1086 -13.28 5.34 16.42
CA PHE A 1086 -11.86 5.37 16.06
C PHE A 1086 -10.94 4.57 17.00
N HIS A 1087 -11.23 4.60 18.31
CA HIS A 1087 -10.40 3.88 19.28
C HIS A 1087 -10.42 2.36 19.10
N LYS A 1088 -11.61 1.82 18.86
CA LYS A 1088 -11.80 0.37 18.75
C LYS A 1088 -11.04 -0.25 17.59
N THR A 1089 -10.85 0.52 16.51
CA THR A 1089 -10.02 0.07 15.38
C THR A 1089 -8.53 0.01 15.74
N LEU A 1090 -8.09 0.88 16.67
CA LEU A 1090 -6.72 0.79 17.21
C LEU A 1090 -6.54 -0.39 18.18
N ASN A 1091 -7.47 -0.53 19.14
CA ASN A 1091 -7.39 -1.56 20.18
C ASN A 1091 -7.30 -2.98 19.64
N THR A 1092 -7.96 -3.24 18.53
CA THR A 1092 -7.82 -4.53 17.83
C THR A 1092 -6.40 -4.72 17.31
N HIS A 1093 -5.86 -3.67 16.71
CA HIS A 1093 -4.51 -3.73 16.12
C HIS A 1093 -3.42 -3.90 17.18
N THR A 1094 -3.50 -3.09 18.24
CA THR A 1094 -2.47 -3.12 19.30
C THR A 1094 -2.45 -4.42 20.09
N ALA A 1095 -3.62 -5.04 20.25
CA ALA A 1095 -3.75 -6.36 20.86
C ALA A 1095 -3.05 -7.39 20.00
N THR A 1096 -3.32 -7.36 18.69
CA THR A 1096 -2.71 -8.29 17.73
C THR A 1096 -1.19 -8.18 17.74
N TRP A 1097 -0.73 -6.94 17.65
CA TRP A 1097 0.70 -6.61 17.63
C TRP A 1097 1.41 -7.08 18.89
N PHE A 1098 0.84 -6.72 20.04
CA PHE A 1098 1.42 -7.00 21.36
C PHE A 1098 1.67 -8.49 21.64
N LEU A 1099 0.77 -9.33 21.13
CA LEU A 1099 0.90 -10.78 21.30
C LEU A 1099 2.09 -11.26 20.48
N TYR A 1100 2.15 -10.83 19.22
CA TYR A 1100 3.23 -11.20 18.31
C TYR A 1100 4.58 -10.81 18.92
N LEU A 1101 4.73 -9.52 19.20
CA LEU A 1101 5.99 -8.95 19.70
C LEU A 1101 6.57 -9.70 20.90
N SER A 1102 5.69 -10.15 21.79
CA SER A 1102 6.09 -10.94 22.96
C SER A 1102 6.55 -12.35 22.58
N THR A 1103 5.79 -13.01 21.69
CA THR A 1103 6.11 -14.36 21.22
C THR A 1103 7.53 -14.47 20.68
N LEU A 1104 7.97 -13.41 20.00
CA LEU A 1104 9.34 -13.31 19.48
C LEU A 1104 10.33 -13.16 20.63
N ARG A 1105 9.99 -12.30 21.60
CA ARG A 1105 10.83 -12.07 22.78
C ARG A 1105 11.10 -13.37 23.54
N TRP A 1106 10.12 -14.26 23.54
CA TRP A 1106 10.25 -15.58 24.13
C TRP A 1106 11.35 -16.36 23.41
N PHE A 1107 11.14 -16.54 22.11
CA PHE A 1107 12.04 -17.32 21.25
C PHE A 1107 13.50 -16.88 21.38
N LEU A 1108 13.72 -15.56 21.35
CA LEU A 1108 15.05 -14.99 21.49
C LEU A 1108 15.66 -15.33 22.83
N PHE A 1109 14.86 -15.22 23.90
CA PHE A 1109 15.34 -15.45 25.26
C PHE A 1109 15.73 -16.90 25.50
N ARG A 1110 14.88 -17.82 25.04
CA ARG A 1110 15.16 -19.25 25.17
C ARG A 1110 16.39 -19.64 24.35
N ALA A 1111 16.49 -19.05 23.15
CA ALA A 1111 17.59 -19.32 22.22
C ALA A 1111 18.94 -18.80 22.74
N ASP A 1112 18.92 -17.62 23.36
CA ASP A 1112 20.12 -17.02 23.93
C ASP A 1112 20.64 -17.79 25.15
N ILE A 1113 19.73 -18.27 26.01
CA ILE A 1113 20.08 -19.11 27.17
C ILE A 1113 20.71 -20.43 26.70
N LEU A 1114 20.17 -20.98 25.63
CA LEU A 1114 20.67 -22.23 25.05
C LEU A 1114 22.14 -22.18 24.60
N PHE A 1115 22.64 -20.97 24.32
CA PHE A 1115 24.06 -20.75 24.03
C PHE A 1115 24.98 -20.93 25.24
N VAL A 1116 24.59 -20.39 26.38
CA VAL A 1116 25.45 -20.42 27.57
C VAL A 1116 25.69 -21.85 28.08
N PHE A 1117 24.70 -22.72 27.87
CA PHE A 1117 24.91 -24.16 28.02
C PHE A 1117 26.07 -24.64 27.14
N PHE A 1118 26.00 -24.33 25.83
CA PHE A 1118 27.09 -24.70 24.90
C PHE A 1118 28.44 -24.15 25.35
N PHE A 1119 28.47 -22.88 25.76
CA PHE A 1119 29.70 -22.25 26.26
C PHE A 1119 30.23 -22.96 27.51
N THR A 1120 29.37 -23.04 28.53
CA THR A 1120 29.77 -23.60 29.83
C THR A 1120 30.15 -25.07 29.74
N LEU A 1121 29.35 -25.87 29.04
CA LEU A 1121 29.67 -27.30 28.85
C LEU A 1121 31.01 -27.47 28.13
N ALA A 1122 31.19 -26.75 27.03
CA ALA A 1122 32.44 -26.79 26.25
C ALA A 1122 33.62 -26.37 27.12
N ALA A 1123 33.44 -25.27 27.85
CA ALA A 1123 34.48 -24.71 28.71
C ALA A 1123 34.78 -25.62 29.90
N TRP A 1124 33.74 -26.15 30.53
CA TRP A 1124 33.88 -27.01 31.70
C TRP A 1124 34.62 -28.31 31.36
N ILE A 1125 34.29 -28.87 30.20
CA ILE A 1125 34.97 -30.08 29.71
C ILE A 1125 36.37 -29.75 29.19
N ALA A 1126 36.52 -28.63 28.48
CA ALA A 1126 37.77 -28.31 27.76
C ALA A 1126 39.02 -28.47 28.63
N VAL A 1127 38.99 -27.81 29.77
CA VAL A 1127 40.13 -27.76 30.70
C VAL A 1127 40.28 -29.13 31.36
N GLY A 1128 39.15 -29.80 31.60
CA GLY A 1128 39.15 -31.15 32.19
C GLY A 1128 39.18 -32.26 31.15
N THR A 1129 40.12 -32.16 30.21
CA THR A 1129 40.29 -33.14 29.14
C THR A 1129 41.44 -34.08 29.46
N ASN A 1130 41.55 -35.16 28.69
CA ASN A 1130 42.72 -36.04 28.71
C ASN A 1130 43.74 -35.48 27.73
N GLN A 1131 44.43 -34.45 28.19
CA GLN A 1131 45.49 -33.80 27.43
C GLN A 1131 46.41 -33.10 28.43
N ASP A 1132 47.68 -33.48 28.40
CA ASP A 1132 48.69 -32.85 29.24
C ASP A 1132 48.94 -31.40 28.80
N LYS A 1133 48.99 -31.18 27.49
CA LYS A 1133 49.30 -29.86 26.93
C LYS A 1133 48.05 -28.99 26.97
N PRO A 1134 48.01 -27.99 27.87
CA PRO A 1134 46.84 -27.11 27.97
C PRO A 1134 46.92 -25.82 27.13
N GLY A 1135 48.01 -25.61 26.40
CA GLY A 1135 48.21 -24.41 25.58
C GLY A 1135 47.17 -24.21 24.49
N GLU A 1136 46.52 -25.29 24.07
CA GLU A 1136 45.39 -25.23 23.15
C GLU A 1136 44.11 -24.61 23.76
N ILE A 1137 44.06 -24.48 25.09
CA ILE A 1137 42.91 -23.85 25.76
C ILE A 1137 42.79 -22.38 25.36
N GLY A 1138 43.93 -21.69 25.33
CA GLY A 1138 44.00 -20.26 24.98
C GLY A 1138 43.21 -19.85 23.74
N ILE A 1139 43.19 -20.73 22.74
CA ILE A 1139 42.34 -20.54 21.56
C ILE A 1139 40.90 -20.85 21.92
N ILE A 1140 40.66 -22.05 22.45
CA ILE A 1140 39.31 -22.60 22.62
C ILE A 1140 38.34 -21.64 23.31
N ILE A 1141 38.78 -21.05 24.43
CA ILE A 1141 37.95 -20.12 25.20
C ILE A 1141 37.84 -18.75 24.50
N CYS A 1142 38.96 -18.24 24.00
CA CYS A 1142 39.00 -16.93 23.34
C CYS A 1142 38.19 -16.89 22.05
N LEU A 1143 38.38 -17.92 21.23
CA LEU A 1143 37.71 -18.07 19.94
C LEU A 1143 36.20 -18.40 20.07
N ALA A 1144 35.78 -18.88 21.23
CA ALA A 1144 34.36 -19.10 21.54
C ALA A 1144 33.64 -17.83 21.96
N MET A 1145 34.25 -17.07 22.88
CA MET A 1145 33.69 -15.81 23.42
C MET A 1145 33.23 -14.78 22.38
N LEU A 1146 34.00 -14.66 21.29
CA LEU A 1146 33.73 -13.67 20.25
C LEU A 1146 32.50 -13.97 19.37
N ILE A 1147 32.03 -15.22 19.38
CA ILE A 1147 30.92 -15.66 18.53
C ILE A 1147 29.56 -15.09 18.96
N LEU A 1148 29.36 -14.83 20.25
CA LEU A 1148 28.06 -14.37 20.78
C LEU A 1148 27.43 -13.23 19.97
N GLY A 1149 28.27 -12.26 19.59
CA GLY A 1149 27.84 -11.13 18.75
C GLY A 1149 27.31 -11.55 17.39
N THR A 1150 28.02 -12.45 16.73
CA THR A 1150 27.62 -12.99 15.43
C THR A 1150 26.41 -13.95 15.54
N PHE A 1151 26.30 -14.65 16.68
CA PHE A 1151 25.28 -15.68 16.88
C PHE A 1151 23.88 -15.09 16.90
N GLN A 1152 23.67 -14.09 17.76
CA GLN A 1152 22.40 -13.37 17.86
C GLN A 1152 22.04 -12.73 16.52
N TRP A 1153 23.03 -12.10 15.91
CA TRP A 1153 22.91 -11.46 14.59
C TRP A 1153 22.51 -12.45 13.49
N CYS A 1154 23.04 -13.67 13.57
CA CYS A 1154 22.75 -14.73 12.60
C CYS A 1154 21.34 -15.31 12.72
N VAL A 1155 20.88 -15.50 13.96
CA VAL A 1155 19.51 -15.96 14.21
C VAL A 1155 18.51 -14.83 13.96
N ALA A 1156 18.93 -13.59 14.20
CA ALA A 1156 18.08 -12.40 13.96
C ALA A 1156 17.63 -12.27 12.51
N THR A 1157 18.58 -12.42 11.58
CA THR A 1157 18.25 -12.45 10.15
C THR A 1157 17.44 -13.68 9.74
N SER A 1158 17.67 -14.80 10.46
CA SER A 1158 17.05 -16.10 10.15
C SER A 1158 15.52 -16.09 10.10
N ILE A 1159 14.90 -15.22 10.90
CA ILE A 1159 13.45 -14.99 10.81
C ILE A 1159 13.15 -14.17 9.55
N ALA A 1160 13.85 -13.04 9.42
CA ALA A 1160 13.67 -12.08 8.31
C ALA A 1160 13.80 -12.68 6.91
N VAL A 1161 14.68 -13.67 6.76
CA VAL A 1161 14.78 -14.43 5.50
C VAL A 1161 13.51 -15.26 5.34
N ASP A 1162 13.22 -16.09 6.34
CA ASP A 1162 12.12 -17.08 6.28
C ASP A 1162 10.74 -16.43 6.08
N GLY A 1163 10.57 -15.24 6.64
CA GLY A 1163 9.38 -14.41 6.38
C GLY A 1163 9.29 -13.91 4.95
N MET A 1164 10.42 -13.49 4.39
CA MET A 1164 10.48 -13.00 3.00
C MET A 1164 10.25 -14.11 1.98
N MET A 1165 10.74 -15.31 2.28
CA MET A 1165 10.51 -16.50 1.44
C MET A 1165 9.03 -16.83 1.20
N ARG A 1166 8.14 -16.36 2.06
CA ARG A 1166 6.70 -16.50 1.83
C ARG A 1166 6.21 -15.61 0.67
N SER A 1167 6.91 -14.50 0.42
CA SER A 1167 6.50 -13.56 -0.62
C SER A 1167 6.74 -14.10 -2.03
N VAL A 1168 7.90 -14.74 -2.25
CA VAL A 1168 8.23 -15.35 -3.56
C VAL A 1168 7.27 -16.49 -3.94
N ASP A 1169 6.83 -17.24 -2.93
CA ASP A 1169 5.85 -18.33 -3.10
C ASP A 1169 4.57 -17.89 -3.81
N ARG A 1170 4.14 -16.64 -3.58
CA ARG A 1170 2.98 -16.06 -4.26
C ARG A 1170 3.16 -15.93 -5.77
N VAL A 1171 4.38 -15.65 -6.21
CA VAL A 1171 4.68 -15.50 -7.63
C VAL A 1171 4.59 -16.86 -8.35
N PHE A 1172 5.15 -17.90 -7.73
CA PHE A 1172 5.03 -19.27 -8.24
C PHE A 1172 3.57 -19.75 -8.43
N LYS A 1173 2.69 -19.37 -7.51
CA LYS A 1173 1.25 -19.63 -7.62
C LYS A 1173 0.66 -19.00 -8.89
N PHE A 1174 1.11 -17.79 -9.19
CA PHE A 1174 0.73 -17.11 -10.46
C PHE A 1174 1.36 -17.75 -11.70
N ILE A 1175 2.63 -18.16 -11.62
CA ILE A 1175 3.30 -18.84 -12.74
C ILE A 1175 2.65 -20.18 -13.09
N ASP A 1176 2.19 -20.91 -12.07
CA ASP A 1176 1.49 -22.20 -12.26
C ASP A 1176 0.10 -22.10 -12.92
N LEU A 1177 -0.48 -20.91 -12.99
CA LEU A 1177 -1.83 -20.68 -13.55
C LEU A 1177 -1.93 -21.19 -15.00
N PRO A 1178 -3.05 -21.86 -15.36
CA PRO A 1178 -3.16 -22.48 -16.69
C PRO A 1178 -3.16 -21.53 -17.89
N SER A 1179 -3.00 -22.10 -19.08
CA SER A 1179 -2.81 -21.34 -20.32
C SER A 1179 -3.31 -22.10 -21.56
N GLU A 1180 -3.31 -21.41 -22.69
CA GLU A 1180 -3.81 -21.95 -23.96
C GLU A 1180 -2.72 -22.79 -24.64
N SER A 1203 -5.15 -20.35 -43.64
CA SER A 1203 -4.80 -18.95 -43.37
C SER A 1203 -5.66 -17.96 -44.17
N SER A 1204 -5.64 -18.10 -45.50
CA SER A 1204 -6.28 -17.16 -46.40
C SER A 1204 -7.80 -17.25 -46.40
N TRP A 1205 -8.41 -16.21 -46.96
CA TRP A 1205 -9.84 -16.13 -47.21
C TRP A 1205 -9.99 -15.91 -48.72
N PRO A 1206 -10.57 -16.90 -49.44
CA PRO A 1206 -10.80 -16.77 -50.90
C PRO A 1206 -11.80 -15.68 -51.38
N HIS A 1207 -11.55 -14.43 -51.02
CA HIS A 1207 -12.51 -13.31 -51.27
C HIS A 1207 -13.91 -13.62 -50.71
N ARG A 1208 -13.94 -14.14 -49.48
CA ARG A 1208 -15.19 -14.54 -48.82
C ARG A 1208 -15.24 -13.99 -47.40
N GLY A 1209 -16.47 -13.83 -46.91
CA GLY A 1209 -16.70 -13.34 -45.54
C GLY A 1209 -18.13 -13.55 -45.04
N GLN A 1210 -18.62 -14.79 -45.19
CA GLN A 1210 -19.94 -15.19 -44.70
C GLN A 1210 -19.81 -15.78 -43.30
N ILE A 1211 -20.88 -15.64 -42.51
CA ILE A 1211 -20.96 -16.19 -41.16
C ILE A 1211 -22.37 -16.72 -40.89
N GLU A 1212 -22.45 -17.93 -40.33
CA GLU A 1212 -23.73 -18.57 -39.99
C GLU A 1212 -23.50 -19.74 -39.04
N VAL A 1213 -23.14 -19.39 -37.81
CA VAL A 1213 -22.70 -20.36 -36.79
C VAL A 1213 -23.93 -20.96 -36.12
N ARG A 1214 -24.34 -22.13 -36.61
CA ARG A 1214 -25.46 -22.88 -36.04
C ARG A 1214 -25.00 -23.76 -34.88
N ASN A 1215 -25.91 -23.99 -33.94
CA ASN A 1215 -25.68 -24.85 -32.76
C ASN A 1215 -24.59 -24.30 -31.83
N LEU A 1216 -24.72 -23.01 -31.48
CA LEU A 1216 -23.81 -22.33 -30.54
C LEU A 1216 -24.44 -22.26 -29.15
N THR A 1217 -23.73 -22.78 -28.15
CA THR A 1217 -24.15 -22.71 -26.74
C THR A 1217 -22.96 -22.27 -25.90
N VAL A 1218 -23.09 -21.12 -25.22
CA VAL A 1218 -22.03 -20.64 -24.31
C VAL A 1218 -22.00 -21.46 -23.01
N LYS A 1219 -20.89 -21.35 -22.30
CA LYS A 1219 -20.73 -22.01 -20.98
C LYS A 1219 -20.16 -21.08 -19.89
N TYR A 1220 -20.64 -19.83 -19.89
CA TYR A 1220 -20.47 -18.89 -18.77
C TYR A 1220 -21.68 -18.94 -17.83
N THR A 1221 -22.86 -19.24 -18.38
CA THR A 1221 -24.13 -19.43 -17.65
C THR A 1221 -24.79 -18.13 -17.13
N GLU A 1222 -24.35 -16.97 -17.63
CA GLU A 1222 -24.90 -15.66 -17.25
C GLU A 1222 -24.72 -14.65 -18.37
N ALA A 1223 -25.83 -14.17 -18.92
CA ALA A 1223 -25.82 -13.16 -19.99
C ALA A 1223 -27.14 -12.38 -20.02
N GLY A 1224 -27.32 -11.52 -19.02
CA GLY A 1224 -28.52 -10.66 -18.88
C GLY A 1224 -29.85 -11.39 -18.92
N HIS A 1225 -29.89 -12.59 -18.32
CA HIS A 1225 -31.03 -13.52 -18.42
C HIS A 1225 -31.44 -13.79 -19.89
N ALA A 1226 -30.43 -14.02 -20.73
CA ALA A 1226 -30.62 -14.34 -22.14
C ALA A 1226 -29.37 -15.03 -22.69
N VAL A 1227 -29.06 -16.19 -22.09
CA VAL A 1227 -27.87 -16.96 -22.41
C VAL A 1227 -28.00 -17.64 -23.78
N LEU A 1228 -26.88 -17.76 -24.48
CA LEU A 1228 -26.85 -18.37 -25.81
C LEU A 1228 -26.83 -19.89 -25.69
N LYS A 1229 -27.92 -20.52 -26.14
CA LYS A 1229 -28.02 -21.98 -26.23
C LYS A 1229 -28.63 -22.35 -27.58
N ASN A 1230 -27.88 -23.13 -28.36
CA ASN A 1230 -28.30 -23.60 -29.69
C ASN A 1230 -28.56 -22.47 -30.71
N LEU A 1231 -27.71 -21.44 -30.67
CA LEU A 1231 -27.89 -20.24 -31.51
C LEU A 1231 -27.57 -20.52 -32.98
N SER A 1232 -28.27 -19.79 -33.85
CA SER A 1232 -28.16 -19.97 -35.30
C SER A 1232 -28.75 -18.76 -36.04
N PHE A 1233 -28.15 -18.41 -37.17
CA PHE A 1233 -28.70 -17.37 -38.06
C PHE A 1233 -28.22 -17.54 -39.51
N SER A 1234 -29.08 -17.20 -40.46
CA SER A 1234 -28.85 -17.40 -41.90
C SER A 1234 -28.62 -16.07 -42.62
N ALA A 1235 -27.60 -15.34 -42.16
CA ALA A 1235 -27.19 -14.08 -42.80
C ALA A 1235 -26.16 -14.34 -43.88
N GLU A 1236 -26.38 -13.78 -45.07
CA GLU A 1236 -25.47 -13.95 -46.21
C GLU A 1236 -24.21 -13.09 -46.03
N GLY A 1237 -23.11 -13.54 -46.62
CA GLY A 1237 -21.85 -12.82 -46.60
C GLY A 1237 -21.90 -11.54 -47.41
N ARG A 1238 -21.07 -10.57 -47.02
CA ARG A 1238 -21.01 -9.23 -47.64
C ARG A 1238 -22.35 -8.47 -47.50
N GLN A 1239 -22.94 -8.58 -46.32
CA GLN A 1239 -24.21 -7.92 -46.01
C GLN A 1239 -24.09 -7.31 -44.62
N ARG A 1240 -24.51 -6.06 -44.48
CA ARG A 1240 -24.61 -5.40 -43.17
C ARG A 1240 -25.79 -5.99 -42.39
N VAL A 1241 -25.56 -6.29 -41.12
CA VAL A 1241 -26.56 -6.95 -40.26
C VAL A 1241 -26.74 -6.15 -38.96
N GLY A 1242 -27.96 -6.19 -38.43
CA GLY A 1242 -28.26 -5.63 -37.11
C GLY A 1242 -28.74 -6.71 -36.15
N ILE A 1243 -28.86 -6.35 -34.87
CA ILE A 1243 -29.25 -7.33 -33.83
C ILE A 1243 -30.03 -6.66 -32.68
N LEU A 1244 -30.97 -7.42 -32.13
CA LEU A 1244 -31.73 -7.02 -30.94
C LEU A 1244 -32.18 -8.21 -30.11
N GLY A 1245 -32.42 -7.96 -28.83
CA GLY A 1245 -32.92 -8.98 -27.90
C GLY A 1245 -33.67 -8.33 -26.75
N ARG A 1246 -33.50 -8.87 -25.55
CA ARG A 1246 -34.11 -8.28 -24.35
C ARG A 1246 -33.31 -7.04 -23.92
N THR A 1247 -34.01 -6.02 -23.43
CA THR A 1247 -33.39 -4.79 -22.94
C THR A 1247 -32.51 -5.09 -21.72
N GLY A 1248 -31.22 -5.33 -21.99
CA GLY A 1248 -30.27 -5.83 -21.00
C GLY A 1248 -30.11 -7.33 -21.07
N SER A 1249 -29.80 -7.83 -22.28
CA SER A 1249 -29.62 -9.26 -22.55
C SER A 1249 -28.15 -9.72 -22.64
N GLY A 1250 -27.25 -8.97 -21.98
CA GLY A 1250 -25.82 -9.23 -22.08
C GLY A 1250 -25.26 -8.93 -23.46
N LYS A 1251 -25.51 -7.71 -23.94
CA LYS A 1251 -25.09 -7.26 -25.28
C LYS A 1251 -23.61 -7.51 -25.60
N SER A 1252 -22.75 -7.35 -24.58
CA SER A 1252 -21.32 -7.62 -24.70
C SER A 1252 -20.99 -9.10 -24.88
N SER A 1253 -21.69 -9.97 -24.12
CA SER A 1253 -21.41 -11.40 -24.10
C SER A 1253 -21.48 -12.07 -25.48
N LEU A 1254 -22.43 -11.64 -26.30
CA LEU A 1254 -22.60 -12.15 -27.66
C LEU A 1254 -21.37 -11.89 -28.54
N PHE A 1255 -20.73 -10.73 -28.34
CA PHE A 1255 -19.51 -10.38 -29.09
C PHE A 1255 -18.32 -11.22 -28.64
N ASN A 1256 -17.99 -11.12 -27.35
CA ASN A 1256 -16.84 -11.86 -26.80
C ASN A 1256 -16.98 -13.39 -26.79
N ALA A 1257 -18.20 -13.90 -27.00
CA ALA A 1257 -18.43 -15.31 -27.30
C ALA A 1257 -17.85 -15.70 -28.66
N LEU A 1258 -18.02 -14.82 -29.66
CA LEU A 1258 -17.42 -15.02 -30.98
C LEU A 1258 -15.90 -14.81 -30.97
N LEU A 1259 -15.43 -13.81 -30.23
CA LEU A 1259 -13.99 -13.59 -30.00
C LEU A 1259 -13.34 -14.63 -29.07
N LYS A 1260 -14.16 -15.34 -28.31
CA LYS A 1260 -13.75 -16.48 -27.46
C LYS A 1260 -12.97 -16.03 -26.22
N LEU A 1261 -13.63 -15.19 -25.43
CA LEU A 1261 -13.18 -14.79 -24.08
C LEU A 1261 -13.98 -15.48 -22.96
N VAL A 1262 -14.87 -16.40 -23.34
CA VAL A 1262 -15.61 -17.27 -22.40
C VAL A 1262 -15.69 -18.69 -22.96
N TYR A 1263 -16.22 -19.62 -22.17
CA TYR A 1263 -16.36 -21.01 -22.59
C TYR A 1263 -17.44 -21.15 -23.66
N THR A 1264 -17.15 -21.96 -24.68
CA THR A 1264 -18.02 -22.10 -25.87
C THR A 1264 -18.25 -23.56 -26.28
N ASP A 1265 -19.39 -23.79 -26.94
CA ASP A 1265 -19.70 -25.05 -27.61
C ASP A 1265 -20.05 -24.80 -29.09
N GLY A 1266 -20.12 -25.89 -29.86
CA GLY A 1266 -20.48 -25.83 -31.27
C GLY A 1266 -19.30 -25.51 -32.18
N GLU A 1267 -19.30 -26.11 -33.36
CA GLU A 1267 -18.31 -25.81 -34.40
C GLU A 1267 -18.51 -24.41 -34.95
N ILE A 1268 -17.41 -23.79 -35.38
CA ILE A 1268 -17.41 -22.41 -35.87
C ILE A 1268 -16.47 -22.34 -37.09
N SER A 1269 -17.07 -22.42 -38.28
CA SER A 1269 -16.34 -22.55 -39.56
C SER A 1269 -16.24 -21.22 -40.29
N ILE A 1270 -15.07 -20.96 -40.87
CA ILE A 1270 -14.87 -19.84 -41.79
C ILE A 1270 -15.14 -20.40 -43.18
N ASP A 1271 -16.39 -20.30 -43.60
CA ASP A 1271 -16.84 -20.75 -44.94
C ASP A 1271 -16.37 -22.17 -45.25
N GLY A 1272 -16.43 -23.02 -44.22
CA GLY A 1272 -15.90 -24.37 -44.28
C GLY A 1272 -14.42 -24.45 -43.92
N VAL A 1273 -14.01 -23.66 -42.91
CA VAL A 1273 -12.65 -23.74 -42.36
C VAL A 1273 -12.71 -23.56 -40.84
N ASN A 1274 -12.61 -24.68 -40.10
CA ASN A 1274 -12.61 -24.66 -38.63
C ASN A 1274 -11.31 -24.11 -38.03
N TRP A 1275 -11.37 -23.82 -36.72
CA TRP A 1275 -10.17 -23.42 -35.96
C TRP A 1275 -9.09 -24.51 -35.93
N ASN A 1276 -9.52 -25.76 -36.12
CA ASN A 1276 -8.64 -26.90 -36.39
C ASN A 1276 -7.34 -26.51 -37.09
N LYS A 1277 -7.48 -25.73 -38.17
CA LYS A 1277 -6.34 -25.16 -38.88
C LYS A 1277 -5.82 -23.88 -38.22
N MET A 1278 -6.74 -22.95 -37.93
CA MET A 1278 -6.40 -21.60 -37.44
C MET A 1278 -6.44 -21.51 -35.91
N PRO A 1279 -5.28 -21.32 -35.26
CA PRO A 1279 -5.29 -21.16 -33.80
C PRO A 1279 -5.83 -19.80 -33.32
N LEU A 1280 -5.76 -19.59 -32.01
CA LEU A 1280 -6.42 -18.45 -31.34
C LEU A 1280 -6.01 -17.08 -31.88
N GLN A 1281 -4.76 -16.96 -32.31
CA GLN A 1281 -4.29 -15.75 -32.98
C GLN A 1281 -4.90 -15.63 -34.38
N LYS A 1282 -4.77 -16.69 -35.16
CA LYS A 1282 -5.26 -16.73 -36.57
C LYS A 1282 -6.76 -16.47 -36.67
N TRP A 1283 -7.51 -16.93 -35.68
CA TRP A 1283 -8.92 -16.57 -35.53
C TRP A 1283 -9.09 -15.07 -35.23
N ARG A 1284 -8.36 -14.59 -34.23
CA ARG A 1284 -8.46 -13.19 -33.78
C ARG A 1284 -7.87 -12.14 -34.73
N LYS A 1285 -7.21 -12.58 -35.80
CA LYS A 1285 -6.93 -11.72 -36.96
C LYS A 1285 -8.21 -11.21 -37.68
N ALA A 1286 -9.31 -11.95 -37.56
CA ALA A 1286 -10.54 -11.68 -38.34
C ALA A 1286 -11.33 -10.45 -37.89
N PHE A 1287 -11.84 -10.49 -36.67
CA PHE A 1287 -12.84 -9.53 -36.20
C PHE A 1287 -12.26 -8.14 -35.89
N GLY A 1288 -12.96 -7.11 -36.36
CA GLY A 1288 -12.62 -5.71 -36.08
C GLY A 1288 -13.53 -5.15 -34.99
N VAL A 1289 -12.94 -4.92 -33.81
CA VAL A 1289 -13.69 -4.49 -32.62
C VAL A 1289 -13.46 -3.00 -32.35
N VAL A 1290 -14.54 -2.30 -32.00
CA VAL A 1290 -14.51 -0.85 -31.73
C VAL A 1290 -15.47 -0.50 -30.57
N PRO A 1291 -15.09 -0.86 -29.33
CA PRO A 1291 -15.99 -0.72 -28.19
C PRO A 1291 -16.14 0.71 -27.67
N GLN A 1292 -17.05 0.89 -26.72
CA GLN A 1292 -17.29 2.19 -26.07
C GLN A 1292 -16.08 2.74 -25.31
N LYS A 1293 -15.31 1.84 -24.68
CA LYS A 1293 -14.02 2.18 -24.07
C LYS A 1293 -12.87 1.69 -24.97
N VAL A 1294 -12.48 2.55 -25.91
CA VAL A 1294 -11.34 2.29 -26.81
C VAL A 1294 -10.01 2.38 -26.05
N PHE A 1295 -9.02 1.66 -26.56
CA PHE A 1295 -7.70 1.54 -25.91
C PHE A 1295 -6.62 2.39 -26.58
N ILE A 1296 -6.10 3.37 -25.83
CA ILE A 1296 -4.93 4.16 -26.22
C ILE A 1296 -3.92 4.12 -25.07
N PHE A 1297 -2.63 4.02 -25.42
CA PHE A 1297 -1.54 3.96 -24.43
C PHE A 1297 -0.51 5.06 -24.67
N THR A 1298 0.38 5.26 -23.69
CA THR A 1298 1.37 6.34 -23.74
C THR A 1298 2.47 6.07 -24.78
N GLY A 1299 2.71 7.07 -25.64
CA GLY A 1299 3.65 6.94 -26.77
C GLY A 1299 3.11 7.61 -28.03
N PRO A 1300 3.85 7.46 -29.16
CA PRO A 1300 3.44 8.09 -30.43
C PRO A 1300 2.43 7.28 -31.23
N LEU A 1301 1.69 7.98 -32.10
CA LEU A 1301 0.72 7.37 -33.03
C LEU A 1301 1.31 6.31 -33.97
N ARG A 1302 2.61 6.45 -34.28
CA ARG A 1302 3.37 5.42 -35.01
C ARG A 1302 3.31 4.10 -34.25
N MET A 1303 3.60 4.18 -32.94
CA MET A 1303 3.61 3.00 -32.06
C MET A 1303 2.21 2.48 -31.74
N ASN A 1304 1.24 3.39 -31.62
CA ASN A 1304 -0.17 3.01 -31.39
C ASN A 1304 -0.81 2.31 -32.60
N LEU A 1305 -0.71 2.94 -33.76
CA LEU A 1305 -1.21 2.35 -35.01
C LEU A 1305 -0.43 1.12 -35.49
N ASP A 1306 0.90 1.20 -35.40
CA ASP A 1306 1.80 0.13 -35.88
C ASP A 1306 2.71 -0.37 -34.74
N PRO A 1307 2.25 -1.36 -33.96
CA PRO A 1307 3.07 -1.96 -32.90
C PRO A 1307 4.27 -2.77 -33.41
N TYR A 1308 4.07 -3.55 -34.47
CA TYR A 1308 5.12 -4.41 -35.06
C TYR A 1308 6.17 -3.61 -35.81
N GLY A 1309 5.71 -2.64 -36.60
CA GLY A 1309 6.60 -1.63 -37.20
C GLY A 1309 7.12 -2.01 -38.57
N CYS A 1310 6.20 -2.40 -39.46
CA CYS A 1310 6.52 -2.79 -40.84
C CYS A 1310 5.46 -2.27 -41.81
N HIS A 1311 5.14 -0.98 -41.70
CA HIS A 1311 4.22 -0.30 -42.61
C HIS A 1311 4.82 1.02 -43.06
N SER A 1312 4.65 1.33 -44.36
CA SER A 1312 5.26 2.52 -44.96
C SER A 1312 4.55 3.80 -44.55
N ASP A 1313 5.24 4.92 -44.75
CA ASP A 1313 4.70 6.24 -44.41
C ASP A 1313 3.54 6.58 -45.34
N GLU A 1314 3.70 6.29 -46.63
CA GLU A 1314 2.63 6.44 -47.61
C GLU A 1314 1.46 5.50 -47.32
N GLU A 1315 1.79 4.29 -46.84
CA GLU A 1315 0.79 3.32 -46.41
C GLU A 1315 0.01 3.83 -45.20
N LEU A 1316 0.70 4.45 -44.25
CA LEU A 1316 0.06 5.06 -43.07
C LEU A 1316 -0.82 6.27 -43.42
N TRP A 1317 -0.35 7.12 -44.33
CA TRP A 1317 -1.14 8.29 -44.78
C TRP A 1317 -2.34 7.87 -45.66
N ARG A 1318 -2.09 7.04 -46.68
CA ARG A 1318 -3.14 6.68 -47.66
C ARG A 1318 -4.38 6.03 -47.03
N VAL A 1319 -4.16 5.18 -46.02
CA VAL A 1319 -5.26 4.60 -45.25
C VAL A 1319 -5.98 5.66 -44.41
N ALA A 1320 -5.21 6.57 -43.80
CA ALA A 1320 -5.78 7.62 -42.95
C ALA A 1320 -6.71 8.55 -43.72
N GLU A 1321 -6.29 8.99 -44.91
CA GLU A 1321 -7.11 9.89 -45.74
C GLU A 1321 -8.35 9.20 -46.31
N GLU A 1322 -8.23 7.90 -46.58
CA GLU A 1322 -9.40 7.07 -46.98
C GLU A 1322 -10.36 6.84 -45.82
N VAL A 1323 -9.83 6.65 -44.61
CA VAL A 1323 -10.64 6.61 -43.39
C VAL A 1323 -11.28 7.97 -43.14
N GLY A 1324 -10.54 9.04 -43.45
CA GLY A 1324 -10.99 10.41 -43.26
C GLY A 1324 -10.42 10.95 -41.96
N LEU A 1325 -9.09 10.95 -41.88
CA LEU A 1325 -8.36 11.34 -40.69
C LEU A 1325 -6.96 11.85 -41.07
N LYS A 1326 -6.93 12.84 -41.97
CA LYS A 1326 -5.67 13.41 -42.48
C LYS A 1326 -5.58 14.89 -42.15
N THR A 1327 -6.48 15.69 -42.71
CA THR A 1327 -6.55 17.13 -42.47
C THR A 1327 -6.78 17.45 -40.99
N VAL A 1328 -7.48 16.57 -40.27
CA VAL A 1328 -7.63 16.68 -38.82
C VAL A 1328 -6.28 16.48 -38.11
N ILE A 1329 -5.47 15.58 -38.67
CA ILE A 1329 -4.13 15.29 -38.13
C ILE A 1329 -3.09 16.33 -38.60
N GLU A 1330 -3.30 16.94 -39.76
CA GLU A 1330 -2.38 17.97 -40.32
C GLU A 1330 -1.93 19.05 -39.32
N GLN A 1331 -2.87 19.46 -38.46
CA GLN A 1331 -2.60 20.47 -37.42
C GLN A 1331 -1.52 20.05 -36.42
N PHE A 1332 -1.39 18.75 -36.15
CA PHE A 1332 -0.36 18.24 -35.25
C PHE A 1332 1.01 18.21 -35.94
N PRO A 1333 2.10 18.41 -35.18
CA PRO A 1333 3.45 18.42 -35.76
C PRO A 1333 4.06 17.03 -35.94
N ASP A 1334 5.16 16.99 -36.70
CA ASP A 1334 5.96 15.77 -36.94
C ASP A 1334 5.19 14.64 -37.66
N LYS A 1335 4.37 15.01 -38.63
CA LYS A 1335 3.56 14.09 -39.44
C LYS A 1335 2.63 13.17 -38.59
N LEU A 1336 3.05 11.93 -38.34
CA LEU A 1336 2.34 11.00 -37.45
C LEU A 1336 3.22 10.54 -36.26
N ASP A 1337 4.32 11.25 -36.01
CA ASP A 1337 5.31 10.91 -34.97
C ASP A 1337 5.05 11.61 -33.63
N PHE A 1338 4.03 12.47 -33.57
CA PHE A 1338 3.60 13.17 -32.35
C PHE A 1338 3.23 12.19 -31.24
N GLN A 1339 3.57 12.56 -30.00
CA GLN A 1339 3.36 11.71 -28.81
C GLN A 1339 2.04 12.00 -28.09
N LEU A 1340 1.39 10.93 -27.61
CA LEU A 1340 0.19 11.02 -26.79
C LEU A 1340 0.43 10.36 -25.43
N GLU A 1341 -0.21 10.89 -24.40
CA GLU A 1341 -0.04 10.40 -23.02
C GLU A 1341 -1.38 10.34 -22.26
N TYR A 1342 -1.34 9.67 -21.11
CA TYR A 1342 -2.47 9.60 -20.16
C TYR A 1342 -3.78 9.03 -20.75
N GLY A 1343 -3.63 8.06 -21.66
CA GLY A 1343 -4.77 7.47 -22.36
C GLY A 1343 -5.35 8.29 -23.51
N GLY A 1344 -4.65 9.37 -23.91
CA GLY A 1344 -5.09 10.22 -25.03
C GLY A 1344 -6.38 10.96 -24.83
N TYR A 1345 -6.55 11.54 -23.64
CA TYR A 1345 -7.79 12.25 -23.26
C TYR A 1345 -7.93 13.64 -23.92
N VAL A 1346 -6.80 14.31 -24.15
CA VAL A 1346 -6.79 15.64 -24.80
C VAL A 1346 -7.40 15.67 -26.21
N LEU A 1347 -7.29 14.55 -26.94
CA LEU A 1347 -7.85 14.44 -28.28
C LEU A 1347 -9.38 14.35 -28.27
N SER A 1348 -9.96 14.53 -29.45
CA SER A 1348 -11.42 14.55 -29.62
C SER A 1348 -12.02 13.15 -29.48
N ASN A 1349 -13.32 13.14 -29.20
CA ASN A 1349 -14.04 11.92 -28.85
C ASN A 1349 -14.43 11.09 -30.07
N GLY A 1350 -15.03 11.74 -31.05
CA GLY A 1350 -15.50 11.11 -32.30
C GLY A 1350 -14.40 10.47 -33.14
N HIS A 1351 -13.28 11.16 -33.29
CA HIS A 1351 -12.11 10.65 -34.01
C HIS A 1351 -11.45 9.46 -33.29
N LYS A 1352 -11.62 9.40 -31.97
CA LYS A 1352 -11.13 8.28 -31.14
C LYS A 1352 -11.75 6.91 -31.52
N GLN A 1353 -12.88 6.94 -32.25
CA GLN A 1353 -13.40 5.76 -32.94
C GLN A 1353 -12.69 5.56 -34.28
N LEU A 1354 -12.58 6.63 -35.06
CA LEU A 1354 -11.94 6.59 -36.40
C LEU A 1354 -10.52 6.02 -36.38
N ILE A 1355 -9.77 6.34 -35.33
CA ILE A 1355 -8.42 5.78 -35.14
C ILE A 1355 -8.45 4.25 -35.00
N CYS A 1356 -9.45 3.73 -34.31
CA CYS A 1356 -9.66 2.29 -34.19
C CYS A 1356 -10.19 1.69 -35.48
N LEU A 1357 -11.10 2.42 -36.14
CA LEU A 1357 -11.62 2.03 -37.45
C LEU A 1357 -10.52 1.93 -38.50
N ALA A 1358 -9.51 2.79 -38.39
CA ALA A 1358 -8.30 2.70 -39.22
C ALA A 1358 -7.49 1.44 -38.87
N ARG A 1359 -7.34 1.18 -37.58
CA ARG A 1359 -6.57 0.04 -37.05
C ARG A 1359 -6.99 -1.31 -37.66
N SER A 1360 -8.27 -1.44 -37.98
CA SER A 1360 -8.81 -2.63 -38.67
C SER A 1360 -8.29 -2.78 -40.11
N ILE A 1361 -8.22 -1.67 -40.86
CA ILE A 1361 -7.66 -1.69 -42.22
C ILE A 1361 -6.18 -2.05 -42.17
N LEU A 1362 -5.49 -1.52 -41.16
CA LEU A 1362 -4.10 -1.92 -40.88
C LEU A 1362 -4.00 -3.40 -40.53
N SER A 1363 -4.93 -3.87 -39.69
CA SER A 1363 -4.93 -5.26 -39.20
C SER A 1363 -5.33 -6.31 -40.25
N GLY A 1364 -6.61 -6.34 -40.63
CA GLY A 1364 -7.12 -7.38 -41.53
C GLY A 1364 -8.57 -7.17 -41.95
N ALA A 1365 -8.94 -7.83 -43.05
CA ALA A 1365 -10.26 -7.66 -43.69
C ALA A 1365 -11.09 -8.95 -43.74
N ARG A 1366 -12.13 -9.01 -42.90
CA ARG A 1366 -13.14 -10.08 -42.96
C ARG A 1366 -14.46 -9.62 -42.34
N ILE A 1367 -14.45 -9.34 -41.04
CA ILE A 1367 -15.66 -9.01 -40.25
C ILE A 1367 -15.38 -7.81 -39.32
N LEU A 1368 -16.38 -6.95 -39.17
CA LEU A 1368 -16.37 -5.84 -38.18
C LEU A 1368 -17.53 -5.96 -37.18
N LEU A 1369 -17.37 -5.31 -36.03
CA LEU A 1369 -18.41 -5.26 -34.98
C LEU A 1369 -18.67 -3.83 -34.50
N LEU A 1370 -19.80 -3.63 -33.81
CA LEU A 1370 -20.18 -2.33 -33.22
C LEU A 1370 -20.94 -2.50 -31.91
N ASP A 1371 -20.37 -1.96 -30.82
CA ASP A 1371 -20.96 -2.03 -29.47
C ASP A 1371 -21.51 -0.68 -29.02
N GLU A 1372 -22.57 -0.24 -29.68
CA GLU A 1372 -23.34 0.98 -29.33
C GLU A 1372 -22.48 2.27 -29.29
N PRO A 1373 -22.19 2.86 -30.47
CA PRO A 1373 -21.44 4.12 -30.55
C PRO A 1373 -22.26 5.41 -30.44
N SER A 1374 -23.59 5.30 -30.43
CA SER A 1374 -24.51 6.47 -30.44
C SER A 1374 -24.23 7.55 -29.39
N ALA A 1375 -23.90 7.11 -28.17
CA ALA A 1375 -23.53 8.02 -27.07
C ALA A 1375 -22.29 8.89 -27.38
N HIS A 1376 -21.39 8.37 -28.22
CA HIS A 1376 -20.20 9.11 -28.69
C HIS A 1376 -20.35 9.70 -30.10
N LEU A 1377 -21.61 9.91 -30.55
CA LEU A 1377 -21.91 10.38 -31.91
C LEU A 1377 -22.76 11.66 -31.91
N ASP A 1378 -22.74 12.36 -33.04
CA ASP A 1378 -23.42 13.66 -33.21
C ASP A 1378 -23.68 13.96 -34.70
N PRO A 1379 -24.71 14.81 -35.00
CA PRO A 1379 -25.17 15.12 -36.38
C PRO A 1379 -24.11 15.23 -37.49
N VAL A 1380 -23.05 15.99 -37.23
CA VAL A 1380 -21.95 16.19 -38.19
C VAL A 1380 -21.07 14.93 -38.36
N THR A 1381 -20.88 14.18 -37.27
CA THR A 1381 -20.08 12.95 -37.29
C THR A 1381 -20.84 11.74 -37.85
N ILE A 1382 -22.11 11.59 -37.47
CA ILE A 1382 -22.95 10.46 -37.92
C ILE A 1382 -23.02 10.33 -39.45
N LYS A 1383 -23.11 11.45 -40.17
CA LYS A 1383 -23.24 11.44 -41.63
C LYS A 1383 -21.96 10.98 -42.35
N VAL A 1384 -20.81 11.48 -41.88
CA VAL A 1384 -19.50 11.06 -42.41
C VAL A 1384 -19.19 9.62 -41.98
N LEU A 1385 -19.50 9.27 -40.73
CA LEU A 1385 -19.41 7.88 -40.25
C LEU A 1385 -20.29 6.93 -41.07
N LYS A 1386 -21.47 7.41 -41.48
CA LYS A 1386 -22.39 6.65 -42.33
C LYS A 1386 -21.87 6.52 -43.76
N LYS A 1387 -21.50 7.65 -44.37
CA LYS A 1387 -21.10 7.66 -45.79
C LYS A 1387 -19.71 7.07 -46.04
N THR A 1388 -18.73 7.47 -45.23
CA THR A 1388 -17.35 6.97 -45.40
C THR A 1388 -17.24 5.45 -45.23
N LEU A 1389 -18.04 4.89 -44.33
CA LEU A 1389 -18.15 3.44 -44.15
C LEU A 1389 -18.60 2.75 -45.43
N ARG A 1390 -19.57 3.35 -46.12
CA ARG A 1390 -20.10 2.82 -47.40
C ARG A 1390 -19.05 2.89 -48.50
N GLN A 1391 -18.38 4.04 -48.61
CA GLN A 1391 -17.30 4.23 -49.57
C GLN A 1391 -16.07 3.35 -49.27
N SER A 1392 -15.78 3.14 -47.98
CA SER A 1392 -14.56 2.46 -47.55
C SER A 1392 -14.58 0.95 -47.83
N PHE A 1393 -15.57 0.25 -47.27
CA PHE A 1393 -15.57 -1.22 -47.26
C PHE A 1393 -16.24 -1.90 -48.47
N SER A 1394 -17.56 -2.09 -48.41
CA SER A 1394 -18.33 -2.88 -49.40
C SER A 1394 -17.76 -4.29 -49.65
N THR A 1395 -17.33 -4.94 -48.57
CA THR A 1395 -16.72 -6.29 -48.60
C THR A 1395 -16.94 -7.04 -47.28
N CYS A 1396 -16.49 -6.44 -46.18
CA CYS A 1396 -16.64 -7.02 -44.84
C CYS A 1396 -18.01 -6.80 -44.20
N THR A 1397 -18.44 -7.77 -43.40
CA THR A 1397 -19.72 -7.76 -42.71
C THR A 1397 -19.66 -6.85 -41.48
N ILE A 1398 -20.79 -6.25 -41.11
CA ILE A 1398 -20.91 -5.48 -39.87
C ILE A 1398 -22.10 -5.93 -39.02
N LEU A 1399 -21.87 -5.98 -37.70
CA LEU A 1399 -22.90 -6.30 -36.71
C LEU A 1399 -23.09 -5.10 -35.78
N LEU A 1400 -24.34 -4.69 -35.60
CA LEU A 1400 -24.68 -3.51 -34.78
C LEU A 1400 -25.86 -3.80 -33.86
N SER A 1401 -25.59 -3.83 -32.55
CA SER A 1401 -26.62 -3.96 -31.53
C SER A 1401 -27.10 -2.57 -31.09
N GLU A 1402 -28.40 -2.31 -31.24
CA GLU A 1402 -28.99 -1.01 -30.90
C GLU A 1402 -30.41 -1.15 -30.34
N HIS A 1403 -30.64 -0.53 -29.19
CA HIS A 1403 -31.97 -0.48 -28.55
C HIS A 1403 -32.92 0.53 -29.22
N LYS A 1404 -32.37 1.53 -29.91
CA LYS A 1404 -33.16 2.57 -30.58
C LYS A 1404 -33.84 2.05 -31.84
N VAL A 1405 -34.78 2.85 -32.34
CA VAL A 1405 -35.56 2.53 -33.54
C VAL A 1405 -34.86 3.02 -34.83
N GLU A 1406 -34.22 4.19 -34.75
CA GLU A 1406 -33.58 4.81 -35.94
C GLU A 1406 -32.48 3.96 -36.61
N PRO A 1407 -31.68 3.21 -35.82
CA PRO A 1407 -30.75 2.24 -36.41
C PRO A 1407 -31.41 1.10 -37.21
N LEU A 1408 -32.65 0.73 -36.88
CA LEU A 1408 -33.39 -0.33 -37.58
C LEU A 1408 -33.69 -0.04 -39.06
N LEU A 1409 -33.77 1.23 -39.43
CA LEU A 1409 -34.06 1.64 -40.81
C LEU A 1409 -32.89 1.44 -41.78
N GLU A 1410 -31.65 1.44 -41.26
CA GLU A 1410 -30.45 1.45 -42.10
C GLU A 1410 -30.11 0.08 -42.72
N CYS A 1411 -29.91 -0.91 -41.86
CA CYS A 1411 -29.33 -2.20 -42.27
C CYS A 1411 -30.31 -3.13 -43.01
N GLN A 1412 -29.79 -4.27 -43.47
CA GLN A 1412 -30.57 -5.24 -44.25
C GLN A 1412 -31.55 -6.04 -43.39
N SER A 1413 -31.03 -6.71 -42.36
CA SER A 1413 -31.79 -7.62 -41.52
C SER A 1413 -31.48 -7.43 -40.03
N PHE A 1414 -32.45 -7.79 -39.18
CA PHE A 1414 -32.35 -7.61 -37.73
C PHE A 1414 -32.88 -8.82 -36.95
N LEU A 1415 -32.03 -9.38 -36.11
CA LEU A 1415 -32.38 -10.53 -35.27
C LEU A 1415 -33.17 -10.08 -34.04
N MET A 1416 -34.22 -10.83 -33.71
CA MET A 1416 -35.01 -10.63 -32.48
C MET A 1416 -34.81 -11.86 -31.61
N MET A 1417 -33.74 -11.82 -30.81
CA MET A 1417 -33.25 -13.01 -30.10
C MET A 1417 -33.67 -13.07 -28.63
N ASP A 1418 -34.25 -14.20 -28.25
CA ASP A 1418 -34.47 -14.57 -26.86
C ASP A 1418 -33.87 -15.96 -26.63
N LYS A 1419 -33.80 -16.38 -25.37
CA LYS A 1419 -33.18 -17.66 -24.99
C LYS A 1419 -33.81 -18.85 -25.75
N GLY A 1420 -33.05 -19.39 -26.71
CA GLY A 1420 -33.54 -20.46 -27.58
C GLY A 1420 -34.64 -20.02 -28.52
N GLN A 1421 -34.51 -18.81 -29.07
CA GLN A 1421 -35.51 -18.23 -29.97
C GLN A 1421 -34.89 -17.16 -30.85
N VAL A 1422 -34.96 -17.37 -32.17
CA VAL A 1422 -34.38 -16.46 -33.18
C VAL A 1422 -35.39 -16.15 -34.29
N LYS A 1423 -35.34 -14.92 -34.80
CA LYS A 1423 -36.19 -14.50 -35.91
C LYS A 1423 -35.64 -13.24 -36.57
N THR A 1424 -35.71 -13.20 -37.90
CA THR A 1424 -35.30 -12.03 -38.68
C THR A 1424 -35.81 -12.12 -40.12
N TYR A 1425 -36.07 -10.96 -40.73
CA TYR A 1425 -36.50 -10.87 -42.14
C TYR A 1425 -35.98 -9.58 -42.79
N ASP A 1426 -35.93 -9.58 -44.11
CA ASP A 1426 -35.32 -8.50 -44.91
C ASP A 1426 -36.29 -7.34 -45.17
N SER A 1427 -37.43 -7.65 -45.79
CA SER A 1427 -38.43 -6.64 -46.17
C SER A 1427 -39.08 -6.02 -44.95
N ILE A 1428 -39.35 -4.71 -45.02
CA ILE A 1428 -39.77 -3.90 -43.85
C ILE A 1428 -41.07 -4.41 -43.19
N GLN A 1429 -42.02 -4.89 -44.00
CA GLN A 1429 -43.26 -5.49 -43.49
C GLN A 1429 -43.01 -6.75 -42.64
N LYS A 1430 -42.04 -7.56 -43.05
CA LYS A 1430 -41.64 -8.77 -42.32
C LYS A 1430 -40.62 -8.47 -41.21
N LEU A 1431 -39.72 -7.53 -41.49
CA LEU A 1431 -38.66 -7.09 -40.56
C LEU A 1431 -39.25 -6.36 -39.34
N LEU A 1432 -39.98 -5.28 -39.59
CA LEU A 1432 -40.43 -4.37 -38.53
C LEU A 1432 -41.58 -4.92 -37.66
N ASN A 1433 -42.43 -5.78 -38.22
CA ASN A 1433 -43.67 -6.22 -37.55
C ASN A 1433 -43.52 -6.63 -36.07
N GLU A 1434 -42.47 -7.41 -35.79
CA GLU A 1434 -42.15 -7.84 -34.42
C GLU A 1434 -41.66 -6.69 -33.55
N THR A 1435 -40.82 -5.82 -34.13
CA THR A 1435 -40.26 -4.65 -33.43
C THR A 1435 -40.86 -3.33 -33.93
N SER A 1436 -42.20 -3.31 -34.04
CA SER A 1436 -42.95 -2.13 -34.50
C SER A 1436 -43.51 -1.36 -33.30
N HIS A 1437 -44.33 -2.06 -32.50
CA HIS A 1437 -44.92 -1.52 -31.27
C HIS A 1437 -45.83 -0.33 -31.52
C1 D10 B . 10.48 -4.79 36.51
C2 D10 B . 11.97 -4.78 36.78
C3 D10 B . 12.51 -6.20 36.98
C4 D10 B . 14.02 -6.23 36.79
C5 D10 B . 14.60 -7.60 37.15
C6 D10 B . 16.12 -7.53 37.21
C7 D10 B . 16.72 -8.85 37.72
C8 D10 B . 18.22 -8.71 37.93
C9 D10 B . 18.84 -10.03 38.40
C10 D10 B . 20.34 -10.03 38.26
C1 D10 C . 23.78 -23.23 14.57
C2 D10 C . 22.62 -22.59 13.84
C3 D10 C . 22.27 -23.37 12.58
C4 D10 C . 21.06 -22.74 11.87
C5 D10 C . 20.82 -23.45 10.54
C6 D10 C . 19.50 -23.01 9.92
C7 D10 C . 19.18 -23.86 8.69
C8 D10 C . 17.77 -23.58 8.15
C9 D10 C . 17.36 -24.59 7.08
C10 D10 C . 15.97 -24.31 6.54
#